data_6WUU
#
_entry.id   6WUU
#
_cell.length_a   58.425
_cell.length_b   189.693
_cell.length_c   63.118
_cell.angle_alpha   90.000
_cell.angle_beta   98.660
_cell.angle_gamma   90.000
#
_symmetry.space_group_name_H-M   'P 1 21 1'
#
loop_
_entity.id
_entity.type
_entity.pdbx_description
1 polymer 'Non-structural protein 3'
2 polymer VIR250
3 non-polymer 'ZINC ION'
4 non-polymer 'MAGNESIUM ION'
5 water water
#
loop_
_entity_poly.entity_id
_entity_poly.type
_entity_poly.pdbx_seq_one_letter_code
_entity_poly.pdbx_strand_id
1 'polypeptide(L)'
;MREVRTIKVFTTVDNINLHTQVVDMSMTYGQQFGPTYLDGADVTKIKPHNSHEGKTFYVLPNDDTLRVEAFEYYHTTDPS
FLGRYMSALNHTKKWKYPQVNGLTSIKWADNNCYLATALLTLQQIELKFNPPALQDAYYRARAGEAANFCALILAYCNKT
VGELGDVRETMSYLFQHANLDSCKRVLNVVCKTCGQQQTTLKGVEAVMYMGTLSYEQFKKGVQIPCTCGKQATKYLVQQE
SPFVMMSAPPAQYELKHGTFTCASEYTGNYQCGHYKHITSKETLYCIDGALLTKSSEYKGPITDVFYKENSYTTTIKPLE
HHHHHH
;
A,B,C,D
2 'polypeptide(L)' (ACE)(UB4)(DPP)G(GVE) G,H,I,J
#
# COMPACT_ATOMS: atom_id res chain seq x y z
N MET A 1 -41.71 52.97 -39.06
CA MET A 1 -41.41 54.40 -39.10
C MET A 1 -41.01 54.89 -37.71
N ARG A 2 -40.27 54.05 -36.97
CA ARG A 2 -39.86 54.36 -35.61
C ARG A 2 -38.37 54.61 -35.54
N GLU A 3 -38.00 55.59 -34.70
CA GLU A 3 -36.63 56.06 -34.57
C GLU A 3 -35.70 54.94 -34.12
N VAL A 4 -34.39 55.16 -34.29
CA VAL A 4 -33.39 54.21 -33.83
C VAL A 4 -32.65 54.80 -32.64
N ARG A 5 -32.45 53.98 -31.62
CA ARG A 5 -31.64 54.27 -30.46
C ARG A 5 -30.57 53.21 -30.36
N THR A 6 -29.33 53.60 -30.08
CA THR A 6 -28.23 52.66 -30.11
C THR A 6 -27.41 52.75 -28.84
N ILE A 7 -26.88 51.59 -28.44
CA ILE A 7 -25.87 51.47 -27.40
C ILE A 7 -24.79 50.52 -27.90
N LYS A 8 -23.59 50.68 -27.36
CA LYS A 8 -22.44 49.86 -27.70
C LYS A 8 -22.26 48.78 -26.64
N VAL A 9 -22.13 47.53 -27.08
CA VAL A 9 -21.92 46.39 -26.21
C VAL A 9 -20.81 45.54 -26.78
N PHE A 10 -20.44 44.48 -26.05
CA PHE A 10 -19.39 43.56 -26.46
C PHE A 10 -19.93 42.14 -26.54
N THR A 11 -19.62 41.44 -27.63
CA THR A 11 -19.95 40.04 -27.80
C THR A 11 -18.68 39.22 -27.70
N THR A 12 -18.83 37.97 -27.24
CA THR A 12 -17.68 37.08 -27.02
C THR A 12 -18.14 35.64 -27.00
N VAL A 13 -17.19 34.73 -27.20
CA VAL A 13 -17.41 33.31 -26.97
C VAL A 13 -16.47 32.73 -25.91
N ASP A 14 -15.47 33.49 -25.47
CA ASP A 14 -14.48 32.99 -24.53
C ASP A 14 -14.22 33.96 -23.38
N ASN A 15 -14.87 35.12 -23.37
CA ASN A 15 -14.66 36.17 -22.37
C ASN A 15 -13.22 36.65 -22.32
N ILE A 16 -12.45 36.39 -23.38
CA ILE A 16 -11.09 36.91 -23.54
C ILE A 16 -11.00 37.87 -24.71
N ASN A 17 -11.58 37.50 -25.85
CA ASN A 17 -11.63 38.35 -27.04
C ASN A 17 -13.00 39.01 -27.09
N LEU A 18 -13.04 40.32 -26.90
CA LEU A 18 -14.28 41.06 -26.96
C LEU A 18 -14.41 41.72 -28.33
N HIS A 19 -15.65 41.80 -28.81
CA HIS A 19 -15.96 42.35 -30.13
C HIS A 19 -17.01 43.43 -29.97
N THR A 20 -16.61 44.67 -30.28
CA THR A 20 -17.52 45.79 -30.15
C THR A 20 -18.68 45.65 -31.12
N GLN A 21 -19.90 45.81 -30.62
CA GLN A 21 -21.10 45.81 -31.43
C GLN A 21 -21.95 47.00 -31.04
N VAL A 22 -22.58 47.63 -32.03
CA VAL A 22 -23.57 48.68 -31.80
C VAL A 22 -24.94 48.09 -32.14
N VAL A 23 -25.84 48.09 -31.16
CA VAL A 23 -27.12 47.40 -31.27
C VAL A 23 -28.24 48.42 -31.28
N ASP A 24 -29.36 48.03 -31.89
CA ASP A 24 -30.56 48.86 -31.96
C ASP A 24 -31.47 48.54 -30.79
N MET A 25 -31.88 49.58 -30.07
CA MET A 25 -32.71 49.43 -28.87
C MET A 25 -34.16 49.05 -29.18
N SER A 26 -34.54 48.94 -30.45
CA SER A 26 -35.90 48.57 -30.84
C SER A 26 -36.07 47.08 -31.12
N MET A 27 -34.99 46.38 -31.47
CA MET A 27 -35.02 44.94 -31.69
C MET A 27 -34.50 44.19 -30.46
N THR A 28 -34.86 42.92 -30.38
CA THR A 28 -34.36 42.09 -29.29
C THR A 28 -32.93 41.63 -29.60
N TYR A 29 -32.25 41.12 -28.56
CA TYR A 29 -30.91 40.60 -28.78
C TYR A 29 -30.92 39.37 -29.68
N GLY A 30 -31.97 38.55 -29.59
CA GLY A 30 -32.04 37.38 -30.46
C GLY A 30 -32.17 37.75 -31.92
N GLN A 31 -32.88 38.84 -32.21
CA GLN A 31 -33.06 39.30 -33.58
C GLN A 31 -31.79 39.88 -34.19
N GLN A 32 -30.75 40.12 -33.39
CA GLN A 32 -29.49 40.71 -33.88
C GLN A 32 -28.30 39.79 -33.72
N PHE A 33 -28.24 39.02 -32.63
CA PHE A 33 -27.12 38.12 -32.36
C PHE A 33 -27.49 36.65 -32.41
N GLY A 34 -28.76 36.31 -32.26
CA GLY A 34 -29.13 34.94 -32.01
C GLY A 34 -29.20 34.68 -30.52
N PRO A 35 -28.96 33.45 -30.11
CA PRO A 35 -28.93 33.13 -28.66
C PRO A 35 -27.86 33.96 -27.95
N THR A 36 -28.31 34.78 -26.98
CA THR A 36 -27.45 35.71 -26.28
C THR A 36 -27.57 35.50 -24.78
N TYR A 37 -26.43 35.54 -24.09
CA TYR A 37 -26.37 35.34 -22.65
C TYR A 37 -25.65 36.49 -21.98
N LEU A 38 -26.21 36.99 -20.88
CA LEU A 38 -25.62 38.04 -20.06
C LEU A 38 -25.47 37.50 -18.64
N ASP A 39 -24.24 37.16 -18.27
CA ASP A 39 -23.94 36.58 -16.96
C ASP A 39 -24.69 35.28 -16.73
N GLY A 40 -24.69 34.42 -17.75
CA GLY A 40 -25.34 33.13 -17.67
C GLY A 40 -26.82 33.13 -17.98
N ALA A 41 -27.50 34.26 -17.85
CA ALA A 41 -28.93 34.34 -18.07
C ALA A 41 -29.25 34.55 -19.54
N ASP A 42 -30.25 33.83 -20.03
CA ASP A 42 -30.68 33.96 -21.41
C ASP A 42 -31.39 35.29 -21.60
N VAL A 43 -30.83 36.15 -22.44
CA VAL A 43 -31.39 37.46 -22.74
C VAL A 43 -31.85 37.57 -24.20
N THR A 44 -32.15 36.41 -24.82
CA THR A 44 -32.53 36.41 -26.23
C THR A 44 -33.82 37.18 -26.47
N LYS A 45 -34.82 36.98 -25.62
CA LYS A 45 -36.16 37.51 -25.87
C LYS A 45 -36.38 38.90 -25.27
N ILE A 46 -35.31 39.63 -24.97
CA ILE A 46 -35.44 40.97 -24.42
C ILE A 46 -34.65 41.94 -25.30
N LYS A 47 -34.96 43.22 -25.15
CA LYS A 47 -34.38 44.32 -25.90
C LYS A 47 -33.28 45.00 -25.09
N PRO A 48 -32.31 45.63 -25.75
CA PRO A 48 -31.21 46.28 -25.02
C PRO A 48 -31.70 47.49 -24.22
N HIS A 49 -31.26 47.56 -22.98
CA HIS A 49 -31.54 48.67 -22.08
C HIS A 49 -30.26 49.49 -21.88
N ASN A 50 -30.43 50.71 -21.37
CA ASN A 50 -29.27 51.55 -21.09
C ASN A 50 -28.32 50.91 -20.08
N SER A 51 -28.81 49.98 -19.26
CA SER A 51 -27.97 49.32 -18.28
C SER A 51 -27.04 48.30 -18.91
N HIS A 52 -27.22 47.99 -20.18
CA HIS A 52 -26.35 47.08 -20.90
C HIS A 52 -25.17 47.78 -21.56
N GLU A 53 -25.13 49.12 -21.52
CA GLU A 53 -24.08 49.91 -22.12
C GLU A 53 -22.70 49.44 -21.68
N GLY A 54 -21.94 48.83 -22.60
CA GLY A 54 -20.58 48.42 -22.31
C GLY A 54 -20.43 47.05 -21.69
N LYS A 55 -21.52 46.34 -21.45
CA LYS A 55 -21.42 45.02 -20.85
C LYS A 55 -21.05 43.98 -21.92
N THR A 56 -20.66 42.80 -21.45
CA THR A 56 -20.18 41.71 -22.29
C THR A 56 -21.23 40.61 -22.36
N PHE A 57 -21.59 40.21 -23.57
CA PHE A 57 -22.62 39.20 -23.81
C PHE A 57 -22.01 37.99 -24.48
N TYR A 58 -22.44 36.81 -24.06
CA TYR A 58 -22.08 35.59 -24.74
C TYR A 58 -22.98 35.35 -25.94
N VAL A 59 -22.40 34.80 -27.01
CA VAL A 59 -23.13 34.50 -28.23
C VAL A 59 -22.69 33.13 -28.72
N LEU A 60 -23.51 32.54 -29.59
CA LEU A 60 -23.14 31.29 -30.22
C LEU A 60 -22.23 31.54 -31.43
N PRO A 61 -21.26 30.65 -31.68
CA PRO A 61 -20.33 30.86 -32.79
C PRO A 61 -20.99 30.77 -34.16
N ASN A 62 -21.48 31.91 -34.67
CA ASN A 62 -21.99 32.00 -36.02
C ASN A 62 -20.97 32.55 -37.02
N ASP A 63 -20.19 33.55 -36.62
CA ASP A 63 -19.20 34.16 -37.49
C ASP A 63 -18.00 33.23 -37.68
N ASP A 64 -17.21 33.53 -38.72
CA ASP A 64 -16.01 32.77 -38.97
C ASP A 64 -14.98 33.00 -37.88
N THR A 65 -14.88 34.23 -37.39
CA THR A 65 -13.94 34.55 -36.33
C THR A 65 -14.35 33.92 -35.00
N LEU A 66 -15.66 33.88 -34.72
CA LEU A 66 -16.13 33.27 -33.47
C LEU A 66 -15.86 31.78 -33.45
N ARG A 67 -15.99 31.11 -34.59
CA ARG A 67 -15.69 29.68 -34.64
C ARG A 67 -14.24 29.42 -34.27
N VAL A 68 -13.32 30.25 -34.77
CA VAL A 68 -11.91 30.08 -34.45
C VAL A 68 -11.67 30.31 -32.97
N GLU A 69 -12.24 31.38 -32.42
CA GLU A 69 -12.03 31.68 -31.00
C GLU A 69 -12.64 30.60 -30.11
N ALA A 70 -13.82 30.09 -30.48
CA ALA A 70 -14.41 29.00 -29.71
C ALA A 70 -13.59 27.73 -29.82
N PHE A 71 -12.99 27.50 -30.99
CA PHE A 71 -12.17 26.30 -31.18
C PHE A 71 -10.88 26.36 -30.38
N GLU A 72 -10.23 27.52 -30.32
CA GLU A 72 -8.98 27.60 -29.57
C GLU A 72 -9.20 27.51 -28.07
N TYR A 73 -10.39 27.87 -27.57
CA TYR A 73 -10.66 27.91 -26.14
C TYR A 73 -11.36 26.66 -25.62
N TYR A 74 -12.36 26.14 -26.34
CA TYR A 74 -13.13 24.99 -25.91
C TYR A 74 -12.75 23.70 -26.62
N HIS A 75 -11.95 23.79 -27.68
CA HIS A 75 -11.55 22.63 -28.50
C HIS A 75 -12.77 21.92 -29.08
N THR A 76 -13.79 22.70 -29.44
CA THR A 76 -14.95 22.16 -30.14
C THR A 76 -15.66 23.29 -30.86
N THR A 77 -16.29 22.94 -31.99
CA THR A 77 -17.11 23.86 -32.76
C THR A 77 -18.56 23.42 -32.76
N ASP A 78 -18.92 22.46 -31.92
CA ASP A 78 -20.28 21.99 -31.78
C ASP A 78 -21.20 23.16 -31.41
N PRO A 79 -22.21 23.47 -32.22
CA PRO A 79 -23.10 24.59 -31.88
C PRO A 79 -23.88 24.36 -30.59
N SER A 80 -24.26 23.12 -30.30
CA SER A 80 -25.02 22.84 -29.08
C SER A 80 -24.17 22.79 -27.83
N PHE A 81 -22.87 23.07 -27.94
CA PHE A 81 -22.00 22.98 -26.77
C PHE A 81 -22.30 24.11 -25.79
N LEU A 82 -22.24 25.35 -26.27
CA LEU A 82 -22.53 26.49 -25.40
C LEU A 82 -23.95 26.42 -24.86
N GLY A 83 -24.89 25.95 -25.68
CA GLY A 83 -26.25 25.78 -25.20
C GLY A 83 -26.33 24.83 -24.02
N ARG A 84 -25.68 23.68 -24.12
CA ARG A 84 -25.70 22.74 -23.01
C ARG A 84 -24.87 23.22 -21.85
N TYR A 85 -23.81 23.99 -22.11
CA TYR A 85 -23.00 24.52 -21.02
C TYR A 85 -23.73 25.60 -20.25
N MET A 86 -24.46 26.47 -20.95
CA MET A 86 -25.22 27.51 -20.25
C MET A 86 -26.40 26.92 -19.48
N SER A 87 -27.03 25.88 -20.03
CA SER A 87 -28.10 25.21 -19.28
C SER A 87 -27.55 24.57 -18.02
N ALA A 88 -26.39 23.91 -18.12
CA ALA A 88 -25.79 23.30 -16.95
C ALA A 88 -25.34 24.36 -15.95
N LEU A 89 -24.75 25.46 -16.44
CA LEU A 89 -24.32 26.53 -15.55
C LEU A 89 -25.49 27.15 -14.82
N ASN A 90 -26.69 27.10 -15.39
CA ASN A 90 -27.86 27.64 -14.70
C ASN A 90 -28.17 26.85 -13.45
N HIS A 91 -27.77 25.58 -13.40
CA HIS A 91 -27.98 24.76 -12.20
C HIS A 91 -26.76 24.75 -11.29
N THR A 92 -25.56 24.64 -11.85
CA THR A 92 -24.36 24.51 -11.02
C THR A 92 -24.09 25.76 -10.21
N LYS A 93 -24.45 26.94 -10.72
CA LYS A 93 -24.26 28.15 -9.93
C LYS A 93 -25.27 28.26 -8.79
N LYS A 94 -26.33 27.45 -8.80
CA LYS A 94 -27.30 27.38 -7.70
C LYS A 94 -26.95 26.32 -6.67
N TRP A 95 -25.88 25.55 -6.90
CA TRP A 95 -25.43 24.54 -5.97
C TRP A 95 -24.62 25.16 -4.83
N LYS A 96 -24.40 24.36 -3.79
CA LYS A 96 -23.59 24.75 -2.64
C LYS A 96 -22.29 23.95 -2.67
N TYR A 97 -21.16 24.64 -2.47
CA TYR A 97 -19.83 24.05 -2.59
C TYR A 97 -19.10 24.23 -1.25
N PRO A 98 -19.38 23.39 -0.27
CA PRO A 98 -18.73 23.55 1.04
C PRO A 98 -17.28 23.11 0.99
N GLN A 99 -16.45 23.79 1.79
CA GLN A 99 -15.04 23.43 1.94
C GLN A 99 -14.93 22.33 2.98
N VAL A 100 -14.88 21.08 2.53
CA VAL A 100 -14.81 19.93 3.41
C VAL A 100 -13.36 19.47 3.47
N ASN A 101 -12.71 19.75 4.60
CA ASN A 101 -11.34 19.29 4.87
C ASN A 101 -10.37 19.77 3.80
N GLY A 102 -10.35 21.09 3.58
CA GLY A 102 -9.46 21.70 2.62
C GLY A 102 -9.79 21.44 1.17
N LEU A 103 -10.75 20.57 0.87
CA LEU A 103 -11.17 20.28 -0.49
C LEU A 103 -12.56 20.87 -0.73
N THR A 104 -12.88 21.04 -2.01
CA THR A 104 -14.16 21.62 -2.44
C THR A 104 -15.10 20.49 -2.84
N SER A 105 -16.17 20.30 -2.06
CA SER A 105 -17.19 19.31 -2.33
C SER A 105 -18.46 19.99 -2.87
N ILE A 106 -19.54 19.21 -3.00
CA ILE A 106 -20.82 19.72 -3.48
C ILE A 106 -21.93 19.18 -2.58
N LYS A 107 -22.78 20.07 -2.08
CA LYS A 107 -23.98 19.67 -1.36
C LYS A 107 -24.93 18.89 -2.26
N TRP A 108 -25.49 17.81 -1.72
CA TRP A 108 -26.27 16.89 -2.54
C TRP A 108 -27.44 17.63 -3.20
N ALA A 109 -27.53 17.52 -4.53
CA ALA A 109 -28.59 18.14 -5.30
C ALA A 109 -28.59 17.65 -6.75
N ASP A 110 -29.75 17.27 -7.26
CA ASP A 110 -29.88 16.86 -8.65
C ASP A 110 -28.98 15.68 -8.97
N ASN A 111 -28.84 14.76 -8.01
CA ASN A 111 -28.02 13.57 -8.17
C ASN A 111 -26.57 13.91 -8.53
N ASN A 112 -26.02 14.96 -7.91
CA ASN A 112 -24.67 15.41 -8.23
C ASN A 112 -23.59 14.66 -7.45
N CYS A 113 -23.93 13.58 -6.76
CA CYS A 113 -22.96 12.88 -5.94
C CYS A 113 -21.78 12.37 -6.78
N TYR A 114 -22.05 11.87 -7.99
CA TYR A 114 -20.95 11.40 -8.83
C TYR A 114 -20.07 12.55 -9.30
N LEU A 115 -20.66 13.73 -9.54
CA LEU A 115 -19.83 14.90 -9.83
C LEU A 115 -19.00 15.30 -8.63
N ALA A 116 -19.60 15.30 -7.44
CA ALA A 116 -18.87 15.65 -6.23
C ALA A 116 -17.68 14.73 -6.02
N THR A 117 -17.89 13.42 -6.19
CA THR A 117 -16.79 12.46 -6.06
C THR A 117 -15.71 12.75 -7.08
N ALA A 118 -16.10 13.00 -8.34
CA ALA A 118 -15.13 13.29 -9.38
C ALA A 118 -14.40 14.61 -9.12
N LEU A 119 -15.12 15.63 -8.67
CA LEU A 119 -14.49 16.91 -8.38
C LEU A 119 -13.47 16.78 -7.24
N LEU A 120 -13.81 15.99 -6.23
CA LEU A 120 -12.85 15.76 -5.16
C LEU A 120 -11.64 14.98 -5.65
N THR A 121 -11.86 14.04 -6.57
CA THR A 121 -10.74 13.27 -7.11
C THR A 121 -9.82 14.15 -7.94
N LEU A 122 -10.41 15.07 -8.71
CA LEU A 122 -9.62 15.94 -9.57
C LEU A 122 -8.71 16.87 -8.75
N GLN A 123 -9.10 17.17 -7.52
CA GLN A 123 -8.28 18.03 -6.66
C GLN A 123 -7.15 17.27 -5.98
N GLN A 124 -7.02 15.96 -6.19
CA GLN A 124 -6.00 15.18 -5.51
C GLN A 124 -5.05 14.46 -6.47
N ILE A 125 -5.22 14.60 -7.78
CA ILE A 125 -4.32 13.99 -8.75
C ILE A 125 -3.75 15.07 -9.66
N GLU A 126 -2.49 14.89 -10.05
CA GLU A 126 -1.81 15.82 -10.95
C GLU A 126 -2.33 15.63 -12.37
N LEU A 127 -2.89 16.70 -12.95
CA LEU A 127 -3.59 16.57 -14.23
C LEU A 127 -3.58 17.91 -14.94
N LYS A 128 -3.24 17.89 -16.22
CA LYS A 128 -3.22 19.09 -17.06
C LYS A 128 -4.16 18.90 -18.24
N PHE A 129 -5.10 19.84 -18.42
CA PHE A 129 -6.08 19.76 -19.49
C PHE A 129 -5.59 20.49 -20.73
N ASN A 130 -5.92 19.94 -21.91
CA ASN A 130 -5.58 20.55 -23.19
C ASN A 130 -6.50 21.72 -23.53
N PRO A 131 -7.81 21.61 -23.40
CA PRO A 131 -8.68 22.78 -23.65
C PRO A 131 -8.39 23.88 -22.65
N PRO A 132 -8.10 25.09 -23.12
CA PRO A 132 -7.85 26.20 -22.17
C PRO A 132 -9.05 26.48 -21.27
N ALA A 133 -10.28 26.30 -21.75
CA ALA A 133 -11.43 26.52 -20.89
C ALA A 133 -11.42 25.58 -19.70
N LEU A 134 -11.02 24.33 -19.91
CA LEU A 134 -10.97 23.39 -18.79
C LEU A 134 -9.85 23.74 -17.83
N GLN A 135 -8.67 24.03 -18.36
CA GLN A 135 -7.53 24.34 -17.49
C GLN A 135 -7.76 25.61 -16.68
N ASP A 136 -8.41 26.60 -17.28
CA ASP A 136 -8.74 27.82 -16.54
C ASP A 136 -9.76 27.53 -15.45
N ALA A 137 -10.81 26.77 -15.77
CA ALA A 137 -11.81 26.44 -14.77
C ALA A 137 -11.26 25.46 -13.73
N TYR A 138 -10.28 24.64 -14.11
CA TYR A 138 -9.68 23.70 -13.17
C TYR A 138 -8.99 24.43 -12.02
N TYR A 139 -8.25 25.49 -12.33
CA TYR A 139 -7.58 26.24 -11.27
C TYR A 139 -8.59 26.98 -10.40
N ARG A 140 -9.59 27.61 -11.01
CA ARG A 140 -10.62 28.28 -10.22
C ARG A 140 -11.46 27.28 -9.44
N ALA A 141 -11.52 26.03 -9.90
CA ALA A 141 -12.21 25.01 -9.12
C ALA A 141 -11.42 24.66 -7.87
N ARG A 142 -10.09 24.58 -7.99
CA ARG A 142 -9.28 24.34 -6.80
C ARG A 142 -9.34 25.52 -5.83
N ALA A 143 -9.52 26.73 -6.34
CA ALA A 143 -9.67 27.89 -5.48
C ALA A 143 -11.02 27.87 -4.76
N GLY A 144 -12.10 27.66 -5.49
CA GLY A 144 -13.41 27.68 -4.89
C GLY A 144 -14.55 27.91 -5.88
N GLU A 145 -14.26 28.55 -7.01
CA GLU A 145 -15.24 28.76 -8.08
C GLU A 145 -15.34 27.47 -8.89
N ALA A 146 -16.00 26.47 -8.29
CA ALA A 146 -16.20 25.19 -8.94
C ALA A 146 -17.50 25.11 -9.71
N ALA A 147 -18.39 26.11 -9.60
CA ALA A 147 -19.64 26.07 -10.34
C ALA A 147 -19.39 26.11 -11.85
N ASN A 148 -18.44 26.93 -12.28
CA ASN A 148 -18.10 27.01 -13.70
C ASN A 148 -17.45 25.72 -14.19
N PHE A 149 -16.65 25.08 -13.33
CA PHE A 149 -15.94 23.87 -13.74
C PHE A 149 -16.89 22.69 -13.85
N CYS A 150 -17.85 22.59 -12.93
CA CYS A 150 -18.82 21.49 -13.01
C CYS A 150 -19.72 21.60 -14.22
N ALA A 151 -20.04 22.83 -14.64
CA ALA A 151 -20.83 23.01 -15.84
C ALA A 151 -20.05 22.57 -17.08
N LEU A 152 -18.76 22.89 -17.12
CA LEU A 152 -17.93 22.44 -18.24
C LEU A 152 -17.83 20.92 -18.27
N ILE A 153 -17.64 20.30 -17.10
CA ILE A 153 -17.61 18.84 -17.03
C ILE A 153 -18.88 18.24 -17.61
N LEU A 154 -20.03 18.76 -17.16
CA LEU A 154 -21.30 18.28 -17.69
C LEU A 154 -21.41 18.49 -19.19
N ALA A 155 -20.93 19.64 -19.68
CA ALA A 155 -21.03 19.92 -21.11
C ALA A 155 -20.08 19.03 -21.91
N TYR A 156 -18.86 18.83 -21.44
CA TYR A 156 -17.91 18.00 -22.19
C TYR A 156 -18.33 16.54 -22.20
N CYS A 157 -18.89 16.03 -21.10
CA CYS A 157 -19.29 14.64 -21.01
C CYS A 157 -20.65 14.36 -21.62
N ASN A 158 -21.34 15.38 -22.12
CA ASN A 158 -22.70 15.25 -22.66
C ASN A 158 -23.63 14.58 -21.64
N LYS A 159 -23.72 15.22 -20.48
CA LYS A 159 -24.55 14.77 -19.38
C LYS A 159 -25.40 15.94 -18.90
N THR A 160 -26.71 15.79 -18.92
CA THR A 160 -27.59 16.84 -18.45
C THR A 160 -27.74 16.78 -16.93
N VAL A 161 -27.99 17.96 -16.34
CA VAL A 161 -28.15 18.05 -14.90
C VAL A 161 -29.35 17.22 -14.44
N GLY A 162 -29.23 16.61 -13.28
CA GLY A 162 -30.31 15.83 -12.71
C GLY A 162 -30.25 14.35 -12.98
N GLU A 163 -29.42 13.93 -13.93
CA GLU A 163 -29.29 12.53 -14.28
C GLU A 163 -28.22 11.84 -13.43
N LEU A 164 -28.46 10.56 -13.13
CA LEU A 164 -27.48 9.74 -12.44
C LEU A 164 -26.24 9.56 -13.32
N GLY A 165 -25.09 9.37 -12.68
CA GLY A 165 -23.84 9.35 -13.40
C GLY A 165 -22.90 8.26 -12.91
N ASP A 166 -21.76 8.15 -13.61
CA ASP A 166 -20.69 7.21 -13.32
C ASP A 166 -19.39 7.99 -13.14
N VAL A 167 -18.68 7.74 -12.05
CA VAL A 167 -17.46 8.49 -11.78
C VAL A 167 -16.35 8.06 -12.73
N ARG A 168 -16.18 6.75 -12.94
CA ARG A 168 -15.14 6.27 -13.85
C ARG A 168 -15.41 6.73 -15.27
N GLU A 169 -16.68 6.69 -15.69
CA GLU A 169 -17.02 7.16 -17.01
C GLU A 169 -16.75 8.65 -17.14
N THR A 170 -17.02 9.41 -16.07
CA THR A 170 -16.74 10.84 -16.11
C THR A 170 -15.24 11.12 -16.15
N MET A 171 -14.45 10.37 -15.37
CA MET A 171 -13.01 10.58 -15.37
C MET A 171 -12.40 10.29 -16.73
N SER A 172 -12.78 9.16 -17.34
CA SER A 172 -12.17 8.79 -18.60
C SER A 172 -12.53 9.76 -19.72
N TYR A 173 -13.72 10.37 -19.67
CA TYR A 173 -14.06 11.41 -20.64
C TYR A 173 -13.14 12.61 -20.46
N LEU A 174 -12.89 13.03 -19.23
CA LEU A 174 -11.99 14.15 -19.00
C LEU A 174 -10.55 13.79 -19.34
N PHE A 175 -10.15 12.53 -19.14
CA PHE A 175 -8.79 12.12 -19.47
C PHE A 175 -8.49 12.27 -20.96
N GLN A 176 -9.50 12.18 -21.82
CA GLN A 176 -9.26 12.42 -23.24
C GLN A 176 -8.80 13.85 -23.52
N HIS A 177 -9.23 14.79 -22.69
CA HIS A 177 -8.81 16.19 -22.85
C HIS A 177 -7.59 16.51 -21.99
N ALA A 178 -6.91 15.50 -21.46
CA ALA A 178 -5.72 15.69 -20.66
C ALA A 178 -4.48 15.28 -21.43
N ASN A 179 -3.36 15.89 -21.05
CA ASN A 179 -2.05 15.61 -21.64
C ASN A 179 -1.43 14.43 -20.90
N LEU A 180 -1.79 13.23 -21.34
CA LEU A 180 -1.27 12.01 -20.72
C LEU A 180 -0.41 11.19 -21.68
N ASP A 181 0.03 11.79 -22.80
CA ASP A 181 0.81 11.05 -23.78
C ASP A 181 2.16 10.58 -23.24
N SER A 182 2.69 11.24 -22.23
CA SER A 182 3.97 10.84 -21.65
C SER A 182 3.81 9.71 -20.63
N CYS A 183 2.59 9.25 -20.38
CA CYS A 183 2.38 8.15 -19.44
C CYS A 183 2.65 6.82 -20.14
N LYS A 184 3.29 5.91 -19.43
CA LYS A 184 3.74 4.66 -20.00
C LYS A 184 3.51 3.54 -19.00
N ARG A 185 3.00 2.42 -19.49
CA ARG A 185 2.77 1.24 -18.67
C ARG A 185 3.31 0.03 -19.39
N VAL A 186 4.04 -0.81 -18.68
CA VAL A 186 4.62 -2.03 -19.23
C VAL A 186 4.04 -3.20 -18.47
N LEU A 187 3.32 -4.06 -19.18
CA LEU A 187 2.72 -5.25 -18.61
C LEU A 187 3.47 -6.48 -19.06
N ASN A 188 3.32 -7.54 -18.27
CA ASN A 188 3.99 -8.81 -18.55
C ASN A 188 3.08 -9.96 -18.18
N VAL A 189 2.81 -10.83 -19.15
CA VAL A 189 2.01 -12.04 -18.96
C VAL A 189 2.91 -13.25 -19.14
N VAL A 190 2.85 -14.18 -18.19
CA VAL A 190 3.69 -15.38 -18.21
C VAL A 190 2.79 -16.61 -18.20
N CYS A 191 3.04 -17.53 -19.14
CA CYS A 191 2.37 -18.82 -19.18
C CYS A 191 3.37 -19.93 -18.90
N LYS A 192 2.86 -21.05 -18.38
CA LYS A 192 3.73 -22.14 -17.97
C LYS A 192 4.37 -22.85 -19.17
N THR A 193 3.70 -22.89 -20.31
CA THR A 193 4.26 -23.51 -21.51
C THR A 193 4.37 -22.56 -22.69
N CYS A 194 3.41 -21.64 -22.86
CA CYS A 194 3.48 -20.70 -23.97
C CYS A 194 4.70 -19.80 -23.84
N GLY A 195 5.04 -19.43 -22.61
CA GLY A 195 6.17 -18.56 -22.36
C GLY A 195 5.74 -17.24 -21.78
N GLN A 196 6.49 -16.18 -22.06
CA GLN A 196 6.22 -14.86 -21.50
C GLN A 196 6.13 -13.85 -22.63
N GLN A 197 5.25 -12.86 -22.46
CA GLN A 197 5.02 -11.85 -23.48
C GLN A 197 4.68 -10.53 -22.81
N GLN A 198 5.37 -9.47 -23.22
CA GLN A 198 5.21 -8.16 -22.62
C GLN A 198 4.65 -7.18 -23.65
N THR A 199 3.75 -6.31 -23.19
CA THR A 199 3.15 -5.26 -24.01
C THR A 199 3.31 -3.92 -23.31
N THR A 200 3.18 -2.85 -24.09
CA THR A 200 3.36 -1.48 -23.60
C THR A 200 2.12 -0.66 -23.89
N LEU A 201 1.68 0.10 -22.89
CA LEU A 201 0.50 0.95 -23.00
C LEU A 201 0.92 2.40 -22.75
N LYS A 202 0.37 3.31 -23.53
CA LYS A 202 0.63 4.72 -23.38
C LYS A 202 -0.68 5.50 -23.41
N GLY A 203 -0.66 6.69 -22.83
CA GLY A 203 -1.83 7.56 -22.83
C GLY A 203 -2.81 7.24 -21.72
N VAL A 204 -4.10 7.36 -22.01
CA VAL A 204 -5.11 7.14 -20.99
C VAL A 204 -5.05 5.71 -20.49
N GLU A 205 -4.81 4.75 -21.39
CA GLU A 205 -4.79 3.34 -21.00
C GLU A 205 -3.68 3.03 -20.00
N ALA A 206 -2.69 3.91 -19.87
CA ALA A 206 -1.59 3.70 -18.94
C ALA A 206 -1.96 4.05 -17.51
N VAL A 207 -3.09 4.73 -17.29
CA VAL A 207 -3.47 5.17 -15.96
C VAL A 207 -4.78 4.55 -15.49
N MET A 208 -5.41 3.70 -16.30
CA MET A 208 -6.65 3.05 -15.91
C MET A 208 -6.51 1.54 -16.05
N TYR A 209 -7.07 0.83 -15.08
CA TYR A 209 -7.16 -0.63 -15.14
C TYR A 209 -8.53 -1.05 -14.62
N MET A 210 -9.12 -2.02 -15.30
CA MET A 210 -10.44 -2.55 -14.96
C MET A 210 -10.29 -4.02 -14.62
N GLY A 211 -10.34 -4.36 -13.33
CA GLY A 211 -10.21 -5.76 -12.93
C GLY A 211 -9.99 -5.96 -11.46
N THR A 212 -9.21 -5.06 -10.84
CA THR A 212 -8.96 -5.13 -9.41
C THR A 212 -8.80 -3.73 -8.86
N LEU A 213 -9.15 -3.57 -7.58
CA LEU A 213 -8.97 -2.31 -6.90
C LEU A 213 -7.56 -2.15 -6.34
N SER A 214 -6.87 -3.25 -6.08
CA SER A 214 -5.58 -3.24 -5.40
C SER A 214 -4.46 -2.90 -6.38
N TYR A 215 -3.76 -1.80 -6.11
CA TYR A 215 -2.55 -1.50 -6.88
C TYR A 215 -1.46 -2.53 -6.60
N GLU A 216 -1.37 -2.99 -5.35
CA GLU A 216 -0.36 -3.98 -4.98
C GLU A 216 -0.56 -5.30 -5.72
N GLN A 217 -1.81 -5.77 -5.78
CA GLN A 217 -2.07 -7.02 -6.50
C GLN A 217 -1.72 -6.89 -7.99
N PHE A 218 -1.82 -5.68 -8.53
CA PHE A 218 -1.43 -5.45 -9.92
C PHE A 218 0.07 -5.65 -10.12
N LYS A 219 0.87 -5.38 -9.09
CA LYS A 219 2.32 -5.59 -9.12
C LYS A 219 2.73 -7.01 -8.76
N LYS A 220 2.06 -7.62 -7.76
CA LYS A 220 2.36 -9.02 -7.40
C LYS A 220 1.84 -9.99 -8.45
N GLY A 221 0.74 -9.66 -9.13
CA GLY A 221 0.22 -10.52 -10.19
C GLY A 221 -1.27 -10.77 -10.15
N VAL A 222 -1.92 -10.71 -11.31
CA VAL A 222 -3.34 -10.97 -11.46
C VAL A 222 -3.53 -12.13 -12.42
N GLN A 223 -4.45 -13.03 -12.11
CA GLN A 223 -4.69 -14.20 -12.93
C GLN A 223 -5.48 -13.81 -14.18
N ILE A 224 -4.98 -14.21 -15.34
CA ILE A 224 -5.60 -13.86 -16.61
C ILE A 224 -5.56 -15.09 -17.51
N PRO A 225 -6.65 -15.44 -18.17
CA PRO A 225 -6.63 -16.61 -19.06
C PRO A 225 -5.71 -16.40 -20.24
N CYS A 226 -5.09 -17.49 -20.69
CA CYS A 226 -4.22 -17.47 -21.86
C CYS A 226 -4.94 -18.08 -23.06
N THR A 227 -4.41 -17.79 -24.25
CA THR A 227 -4.99 -18.34 -25.48
C THR A 227 -4.82 -19.85 -25.58
N CYS A 228 -3.95 -20.45 -24.78
CA CYS A 228 -3.80 -21.90 -24.74
C CYS A 228 -4.78 -22.58 -23.80
N GLY A 229 -5.48 -21.84 -22.95
CA GLY A 229 -6.46 -22.44 -22.06
C GLY A 229 -6.22 -22.22 -20.58
N LYS A 230 -5.03 -22.61 -20.10
CA LYS A 230 -4.76 -22.58 -18.67
C LYS A 230 -4.50 -21.15 -18.20
N GLN A 231 -4.35 -21.00 -16.88
CA GLN A 231 -4.32 -19.70 -16.24
C GLN A 231 -2.90 -19.12 -16.26
N ALA A 232 -2.78 -17.90 -16.79
CA ALA A 232 -1.52 -17.16 -16.79
C ALA A 232 -1.53 -16.11 -15.69
N THR A 233 -0.40 -15.43 -15.52
CA THR A 233 -0.26 -14.39 -14.51
C THR A 233 0.26 -13.12 -15.16
N LYS A 234 -0.47 -12.02 -14.96
CA LYS A 234 -0.11 -10.70 -15.48
C LYS A 234 0.37 -9.82 -14.33
N TYR A 235 1.52 -9.16 -14.53
CA TYR A 235 2.07 -8.25 -13.53
C TYR A 235 2.43 -6.93 -14.19
N LEU A 236 2.44 -5.88 -13.37
CA LEU A 236 2.88 -4.57 -13.82
C LEU A 236 4.40 -4.50 -13.61
N VAL A 237 5.13 -4.35 -14.71
CA VAL A 237 6.58 -4.28 -14.66
C VAL A 237 7.07 -2.85 -14.47
N GLN A 238 6.61 -1.93 -15.31
CA GLN A 238 7.04 -0.55 -15.27
C GLN A 238 5.82 0.36 -15.41
N GLN A 239 5.80 1.42 -14.62
CA GLN A 239 4.70 2.39 -14.62
C GLN A 239 5.28 3.78 -14.46
N GLU A 240 4.94 4.68 -15.38
CA GLU A 240 5.39 6.07 -15.36
C GLU A 240 4.18 6.96 -15.62
N SER A 241 3.67 7.58 -14.56
CA SER A 241 2.50 8.43 -14.63
C SER A 241 2.35 9.14 -13.30
N PRO A 242 1.67 10.29 -13.26
CA PRO A 242 1.47 10.98 -11.99
C PRO A 242 0.53 10.24 -11.05
N PHE A 243 -0.28 9.31 -11.57
CA PHE A 243 -1.24 8.56 -10.78
C PHE A 243 -1.65 7.32 -11.56
N VAL A 244 -2.38 6.44 -10.89
CA VAL A 244 -3.04 5.32 -11.53
C VAL A 244 -4.44 5.21 -10.93
N MET A 245 -5.36 4.69 -11.72
CA MET A 245 -6.76 4.52 -11.32
C MET A 245 -7.10 3.05 -11.48
N MET A 246 -7.45 2.40 -10.37
CA MET A 246 -7.85 1.00 -10.36
C MET A 246 -9.35 0.91 -10.13
N SER A 247 -10.05 0.19 -11.00
CA SER A 247 -11.50 0.11 -10.97
C SER A 247 -11.97 -1.33 -11.01
N ALA A 248 -13.15 -1.56 -10.43
CA ALA A 248 -13.77 -2.87 -10.38
C ALA A 248 -15.24 -2.67 -10.02
N PRO A 249 -16.10 -3.62 -10.36
CA PRO A 249 -17.50 -3.50 -9.97
C PRO A 249 -17.63 -3.41 -8.46
N PRO A 250 -18.63 -2.67 -7.96
CA PRO A 250 -18.73 -2.42 -6.52
C PRO A 250 -18.74 -3.71 -5.71
N ALA A 251 -17.74 -3.86 -4.86
CA ALA A 251 -17.63 -4.99 -3.96
C ALA A 251 -17.08 -4.51 -2.63
N GLN A 252 -17.39 -5.24 -1.57
CA GLN A 252 -16.90 -4.90 -0.24
C GLN A 252 -15.38 -4.96 -0.21
N TYR A 253 -14.74 -3.88 0.23
CA TYR A 253 -13.29 -3.75 0.15
C TYR A 253 -12.78 -2.92 1.31
N GLU A 254 -11.63 -3.31 1.85
CA GLU A 254 -11.01 -2.64 2.98
C GLU A 254 -9.93 -1.69 2.52
N LEU A 255 -10.01 -0.43 2.95
CA LEU A 255 -9.04 0.60 2.60
C LEU A 255 -8.14 0.85 3.80
N LYS A 256 -6.87 0.49 3.67
CA LYS A 256 -5.89 0.70 4.72
C LYS A 256 -5.27 2.09 4.59
N HIS A 257 -5.16 2.80 5.71
CA HIS A 257 -4.65 4.17 5.69
C HIS A 257 -3.22 4.24 5.15
N GLY A 258 -2.97 5.26 4.33
CA GLY A 258 -1.66 5.49 3.77
C GLY A 258 -1.31 4.68 2.53
N THR A 259 -2.21 3.80 2.07
CA THR A 259 -1.94 2.92 0.94
C THR A 259 -2.61 3.38 -0.34
N PHE A 260 -3.24 4.56 -0.34
CA PHE A 260 -3.92 5.07 -1.52
C PHE A 260 -4.13 6.57 -1.34
N THR A 261 -4.48 7.23 -2.44
CA THR A 261 -4.81 8.66 -2.40
C THR A 261 -6.29 8.86 -2.06
N CYS A 262 -7.18 8.35 -2.91
CA CYS A 262 -8.61 8.47 -2.64
C CYS A 262 -9.34 7.35 -3.36
N ALA A 263 -10.60 7.18 -3.01
CA ALA A 263 -11.39 6.07 -3.53
C ALA A 263 -12.84 6.50 -3.71
N SER A 264 -13.59 5.68 -4.43
CA SER A 264 -15.00 5.93 -4.72
C SER A 264 -15.84 4.82 -4.09
N GLU A 265 -16.70 5.18 -3.16
CA GLU A 265 -17.67 4.24 -2.60
C GLU A 265 -18.97 4.31 -3.39
N TYR A 266 -19.54 3.15 -3.68
CA TYR A 266 -20.82 3.05 -4.37
C TYR A 266 -21.71 2.08 -3.61
N THR A 267 -22.86 2.59 -3.15
CA THR A 267 -23.82 1.80 -2.40
C THR A 267 -25.13 1.75 -3.17
N GLY A 268 -25.72 0.57 -3.24
CA GLY A 268 -26.98 0.39 -3.92
C GLY A 268 -26.87 -0.60 -5.05
N ASN A 269 -27.85 -0.61 -5.95
CA ASN A 269 -27.82 -1.51 -7.10
C ASN A 269 -27.37 -0.77 -8.35
N TYR A 270 -27.30 -1.52 -9.45
CA TYR A 270 -26.92 -1.01 -10.75
C TYR A 270 -27.92 0.00 -11.32
N GLN A 271 -29.18 -0.03 -10.87
CA GLN A 271 -30.18 0.90 -11.38
C GLN A 271 -30.15 2.25 -10.66
N CYS A 272 -29.88 2.26 -9.35
CA CYS A 272 -29.78 3.51 -8.61
C CYS A 272 -28.85 3.33 -7.43
N GLY A 273 -27.87 4.23 -7.30
CA GLY A 273 -26.86 4.11 -6.26
C GLY A 273 -26.53 5.46 -5.64
N HIS A 274 -25.57 5.42 -4.71
CA HIS A 274 -25.14 6.59 -3.97
C HIS A 274 -23.62 6.61 -3.89
N TYR A 275 -23.01 7.72 -4.30
CA TYR A 275 -21.57 7.86 -4.33
C TYR A 275 -21.05 8.60 -3.09
N LYS A 276 -19.99 8.06 -2.50
CA LYS A 276 -19.26 8.73 -1.43
C LYS A 276 -17.77 8.69 -1.75
N HIS A 277 -17.05 9.71 -1.29
CA HIS A 277 -15.64 9.89 -1.58
C HIS A 277 -14.83 9.64 -0.32
N ILE A 278 -13.90 8.69 -0.38
CA ILE A 278 -13.00 8.39 0.72
C ILE A 278 -11.62 8.94 0.35
N THR A 279 -11.01 9.67 1.27
CA THR A 279 -9.68 10.21 1.05
C THR A 279 -8.79 9.86 2.23
N SER A 280 -7.50 9.70 1.95
CA SER A 280 -6.49 9.32 2.94
C SER A 280 -5.56 10.49 3.19
N LYS A 281 -5.56 10.98 4.43
CA LYS A 281 -4.66 12.07 4.83
C LYS A 281 -3.89 11.68 6.09
N GLU A 282 -4.07 12.41 7.20
CA GLU A 282 -3.49 11.94 8.45
C GLU A 282 -4.21 10.71 8.95
N THR A 283 -5.50 10.57 8.60
CA THR A 283 -6.30 9.39 8.85
C THR A 283 -7.28 9.26 7.68
N LEU A 284 -8.24 8.34 7.81
CA LEU A 284 -9.23 8.12 6.77
C LEU A 284 -10.42 9.05 6.96
N TYR A 285 -10.75 9.80 5.90
CA TYR A 285 -11.89 10.69 5.86
C TYR A 285 -12.90 10.21 4.83
N CYS A 286 -14.18 10.44 5.13
CA CYS A 286 -15.28 10.06 4.26
C CYS A 286 -16.15 11.27 4.01
N ILE A 287 -16.13 11.77 2.78
CA ILE A 287 -16.88 12.96 2.40
C ILE A 287 -18.13 12.50 1.66
N ASP A 288 -19.30 12.81 2.23
CA ASP A 288 -20.59 12.46 1.64
C ASP A 288 -21.35 13.76 1.36
N GLY A 289 -21.01 14.41 0.25
CA GLY A 289 -21.60 15.69 -0.06
C GLY A 289 -21.13 16.78 0.89
N ALA A 290 -22.00 17.20 1.79
CA ALA A 290 -21.65 18.19 2.81
C ALA A 290 -21.23 17.57 4.13
N LEU A 291 -21.33 16.25 4.28
CA LEU A 291 -21.04 15.56 5.52
C LEU A 291 -19.64 14.95 5.49
N LEU A 292 -19.04 14.81 6.66
CA LEU A 292 -17.67 14.33 6.82
C LEU A 292 -17.63 13.32 7.95
N THR A 293 -16.79 12.30 7.80
CA THR A 293 -16.71 11.22 8.77
C THR A 293 -15.27 10.70 8.84
N LYS A 294 -14.76 10.55 10.05
CA LYS A 294 -13.42 10.02 10.29
C LYS A 294 -13.51 8.59 10.82
N SER A 295 -12.42 7.85 10.63
CA SER A 295 -12.24 6.52 11.19
C SER A 295 -10.80 6.10 10.94
N SER A 296 -10.32 5.17 11.78
CA SER A 296 -8.96 4.70 11.62
C SER A 296 -8.82 3.78 10.40
N GLU A 297 -9.84 2.97 10.16
CA GLU A 297 -9.88 2.08 9.01
C GLU A 297 -11.26 2.15 8.38
N TYR A 298 -11.37 1.61 7.16
CA TYR A 298 -12.60 1.70 6.39
C TYR A 298 -12.87 0.37 5.70
N LYS A 299 -14.14 -0.01 5.65
CA LYS A 299 -14.57 -1.22 4.95
C LYS A 299 -15.93 -0.97 4.34
N GLY A 300 -15.98 -0.91 3.01
CA GLY A 300 -17.23 -0.67 2.32
C GLY A 300 -17.14 -1.05 0.85
N PRO A 301 -18.23 -0.84 0.11
CA PRO A 301 -18.23 -1.18 -1.31
C PRO A 301 -17.52 -0.13 -2.17
N ILE A 302 -16.31 -0.45 -2.63
CA ILE A 302 -15.51 0.48 -3.43
C ILE A 302 -15.53 0.03 -4.88
N THR A 303 -15.56 1.00 -5.80
CA THR A 303 -15.54 0.72 -7.23
C THR A 303 -14.37 1.34 -7.96
N ASP A 304 -13.82 2.44 -7.45
CA ASP A 304 -12.64 3.07 -8.01
C ASP A 304 -11.68 3.43 -6.87
N VAL A 305 -10.39 3.19 -7.10
CA VAL A 305 -9.34 3.57 -6.16
C VAL A 305 -8.24 4.27 -6.93
N PHE A 306 -7.77 5.40 -6.41
CA PHE A 306 -6.74 6.22 -7.03
C PHE A 306 -5.47 6.16 -6.21
N TYR A 307 -4.34 5.91 -6.87
CA TYR A 307 -3.04 5.82 -6.23
C TYR A 307 -2.10 6.85 -6.81
N LYS A 308 -1.21 7.36 -5.97
CA LYS A 308 -0.14 8.25 -6.41
C LYS A 308 1.03 7.44 -6.93
N GLU A 309 1.62 7.91 -8.04
CA GLU A 309 2.74 7.23 -8.66
C GLU A 309 3.64 8.30 -9.30
N ASN A 310 4.91 7.92 -9.50
CA ASN A 310 5.85 8.74 -10.23
C ASN A 310 6.62 7.88 -11.23
N SER A 311 7.40 6.92 -10.73
CA SER A 311 8.10 5.97 -11.58
C SER A 311 8.33 4.68 -10.79
N TYR A 312 7.82 3.57 -11.32
CA TYR A 312 7.95 2.26 -10.67
C TYR A 312 8.52 1.27 -11.67
N THR A 313 9.58 0.57 -11.27
CA THR A 313 10.17 -0.52 -12.05
C THR A 313 10.52 -1.68 -11.14
N THR A 314 10.10 -2.88 -11.52
CA THR A 314 10.55 -4.05 -10.77
C THR A 314 12.01 -4.32 -11.10
N THR A 315 12.70 -4.98 -10.18
CA THR A 315 14.06 -5.42 -10.45
C THR A 315 14.14 -6.89 -10.82
N ILE A 316 13.00 -7.56 -10.93
CA ILE A 316 13.00 -8.98 -11.22
C ILE A 316 13.51 -9.25 -12.62
N LYS A 317 13.03 -8.46 -13.61
CA LYS A 317 13.49 -8.46 -15.00
C LYS A 317 12.65 -9.54 -15.71
N PRO A 318 12.52 -9.53 -17.05
CA PRO A 318 11.64 -10.58 -17.57
C PRO A 318 12.24 -11.98 -17.46
N MET B 1 29.65 -59.25 15.46
CA MET B 1 31.09 -59.49 15.43
C MET B 1 31.63 -59.37 14.02
N ARG B 2 31.36 -58.25 13.35
CA ARG B 2 31.79 -58.01 11.99
C ARG B 2 32.95 -57.00 11.97
N GLU B 3 33.54 -56.81 10.79
CA GLU B 3 34.77 -56.04 10.64
C GLU B 3 34.58 -54.59 11.09
N VAL B 4 35.71 -53.95 11.43
CA VAL B 4 35.77 -52.56 11.87
C VAL B 4 36.35 -51.72 10.75
N ARG B 5 35.60 -50.71 10.31
CA ARG B 5 36.04 -49.75 9.32
C ARG B 5 36.02 -48.36 9.91
N THR B 6 37.12 -47.61 9.76
CA THR B 6 37.22 -46.29 10.35
C THR B 6 37.83 -45.31 9.35
N ILE B 7 37.38 -44.06 9.43
CA ILE B 7 38.02 -42.95 8.74
C ILE B 7 38.15 -41.79 9.72
N LYS B 8 39.06 -40.87 9.43
CA LYS B 8 39.22 -39.66 10.24
C LYS B 8 38.47 -38.51 9.58
N VAL B 9 37.70 -37.79 10.37
CA VAL B 9 36.98 -36.60 9.92
C VAL B 9 37.20 -35.50 10.94
N PHE B 10 36.68 -34.32 10.64
CA PHE B 10 36.82 -33.17 11.52
C PHE B 10 35.44 -32.67 11.89
N THR B 11 35.21 -32.41 13.17
CA THR B 11 33.97 -31.82 13.66
C THR B 11 34.22 -30.38 14.09
N THR B 12 33.19 -29.56 14.00
CA THR B 12 33.36 -28.16 14.35
C THR B 12 32.00 -27.56 14.68
N VAL B 13 32.03 -26.42 15.38
CA VAL B 13 30.85 -25.60 15.60
C VAL B 13 30.98 -24.21 15.00
N ASP B 14 32.17 -23.84 14.54
CA ASP B 14 32.45 -22.51 14.03
C ASP B 14 33.20 -22.51 12.71
N ASN B 15 33.56 -23.68 12.19
CA ASN B 15 34.38 -23.83 10.98
C ASN B 15 35.73 -23.14 11.13
N ILE B 16 36.17 -22.88 12.36
CA ILE B 16 37.49 -22.33 12.63
C ILE B 16 38.34 -23.31 13.42
N ASN B 17 37.78 -23.90 14.47
CA ASN B 17 38.45 -24.90 15.29
C ASN B 17 37.96 -26.28 14.88
N LEU B 18 38.86 -27.07 14.27
CA LEU B 18 38.55 -28.42 13.84
C LEU B 18 39.05 -29.42 14.88
N HIS B 19 38.28 -30.49 15.08
CA HIS B 19 38.60 -31.50 16.08
C HIS B 19 38.63 -32.85 15.40
N THR B 20 39.80 -33.47 15.37
CA THR B 20 39.95 -34.76 14.70
C THR B 20 39.12 -35.81 15.43
N GLN B 21 38.32 -36.54 14.66
CA GLN B 21 37.51 -37.63 15.19
C GLN B 21 37.70 -38.87 14.32
N VAL B 22 37.70 -40.04 14.97
CA VAL B 22 37.72 -41.31 14.26
C VAL B 22 36.32 -41.91 14.36
N VAL B 23 35.70 -42.16 13.21
CA VAL B 23 34.29 -42.58 13.15
C VAL B 23 34.20 -44.02 12.66
N ASP B 24 33.14 -44.70 13.10
CA ASP B 24 32.88 -46.07 12.68
C ASP B 24 31.97 -46.07 11.46
N MET B 25 32.41 -46.75 10.39
CA MET B 25 31.65 -46.74 9.15
C MET B 25 30.39 -47.60 9.21
N SER B 26 30.17 -48.32 10.31
CA SER B 26 28.98 -49.15 10.44
C SER B 26 27.84 -48.47 11.18
N MET B 27 28.13 -47.47 12.00
CA MET B 27 27.11 -46.70 12.70
C MET B 27 26.82 -45.40 11.95
N THR B 28 25.67 -44.82 12.22
CA THR B 28 25.33 -43.54 11.62
C THR B 28 26.03 -42.41 12.35
N TYR B 29 26.05 -41.22 11.72
CA TYR B 29 26.64 -40.05 12.35
C TYR B 29 25.86 -39.65 13.61
N GLY B 30 24.54 -39.84 13.60
CA GLY B 30 23.75 -39.50 14.77
C GLY B 30 24.08 -40.36 15.97
N GLN B 31 24.42 -41.63 15.74
CA GLN B 31 24.79 -42.51 16.84
C GLN B 31 26.15 -42.18 17.42
N GLN B 32 26.93 -41.32 16.76
CA GLN B 32 28.26 -40.96 17.22
C GLN B 32 28.42 -39.49 17.58
N PHE B 33 27.80 -38.58 16.83
CA PHE B 33 27.93 -37.16 17.10
C PHE B 33 26.64 -36.49 17.52
N GLY B 34 25.48 -37.08 17.24
CA GLY B 34 24.23 -36.38 17.34
C GLY B 34 23.89 -35.72 16.03
N PRO B 35 23.13 -34.63 16.07
CA PRO B 35 22.81 -33.90 14.83
C PRO B 35 24.08 -33.42 14.14
N THR B 36 24.27 -33.88 12.91
CA THR B 36 25.49 -33.62 12.14
C THR B 36 25.13 -33.04 10.78
N TYR B 37 25.87 -32.02 10.36
CA TYR B 37 25.65 -31.36 9.09
C TYR B 37 26.95 -31.35 8.27
N LEU B 38 26.83 -31.67 6.99
CA LEU B 38 27.95 -31.63 6.06
C LEU B 38 27.55 -30.69 4.92
N ASP B 39 28.08 -29.47 4.96
CA ASP B 39 27.77 -28.44 3.95
C ASP B 39 26.28 -28.15 3.89
N GLY B 40 25.67 -28.01 5.07
CA GLY B 40 24.27 -27.68 5.19
C GLY B 40 23.31 -28.85 5.16
N ALA B 41 23.71 -29.99 4.57
CA ALA B 41 22.81 -31.13 4.45
C ALA B 41 22.86 -31.97 5.72
N ASP B 42 21.67 -32.37 6.19
CA ASP B 42 21.57 -33.21 7.38
C ASP B 42 22.02 -34.62 7.04
N VAL B 43 23.10 -35.07 7.67
CA VAL B 43 23.63 -36.41 7.45
C VAL B 43 23.55 -37.25 8.72
N THR B 44 22.64 -36.88 9.63
CA THR B 44 22.49 -37.62 10.88
C THR B 44 22.06 -39.06 10.63
N LYS B 45 21.13 -39.25 9.69
CA LYS B 45 20.48 -40.54 9.45
C LYS B 45 21.22 -41.39 8.42
N ILE B 46 22.48 -41.07 8.13
CA ILE B 46 23.27 -41.84 7.18
C ILE B 46 24.58 -42.27 7.83
N LYS B 47 25.22 -43.26 7.21
CA LYS B 47 26.48 -43.83 7.66
C LYS B 47 27.64 -43.23 6.88
N PRO B 48 28.84 -43.21 7.47
CA PRO B 48 29.99 -42.59 6.80
C PRO B 48 30.40 -43.35 5.54
N HIS B 49 30.71 -42.59 4.50
CA HIS B 49 31.22 -43.13 3.26
C HIS B 49 32.73 -42.87 3.16
N ASN B 50 33.38 -43.62 2.28
CA ASN B 50 34.83 -43.49 2.10
C ASN B 50 35.26 -42.11 1.66
N SER B 51 34.37 -41.33 1.02
CA SER B 51 34.68 -40.01 0.50
C SER B 51 34.71 -38.93 1.58
N HIS B 52 34.35 -39.24 2.82
CA HIS B 52 34.32 -38.25 3.89
C HIS B 52 35.67 -38.09 4.57
N GLU B 53 36.66 -38.92 4.23
CA GLU B 53 37.98 -38.86 4.83
C GLU B 53 38.56 -37.45 4.78
N GLY B 54 38.70 -36.82 5.95
CA GLY B 54 39.31 -35.51 6.05
C GLY B 54 38.38 -34.33 5.88
N LYS B 55 37.08 -34.58 5.66
CA LYS B 55 36.13 -33.49 5.50
C LYS B 55 35.70 -32.94 6.86
N THR B 56 35.06 -31.78 6.83
CA THR B 56 34.66 -31.06 8.03
C THR B 56 33.15 -31.12 8.21
N PHE B 57 32.71 -31.53 9.40
CA PHE B 57 31.30 -31.65 9.73
C PHE B 57 30.94 -30.68 10.84
N TYR B 58 29.77 -30.06 10.72
CA TYR B 58 29.21 -29.27 11.81
C TYR B 58 28.49 -30.18 12.79
N VAL B 59 28.58 -29.86 14.08
CA VAL B 59 27.90 -30.63 15.10
C VAL B 59 27.28 -29.66 16.10
N LEU B 60 26.31 -30.18 16.86
CA LEU B 60 25.72 -29.40 17.95
C LEU B 60 26.59 -29.50 19.19
N PRO B 61 26.65 -28.45 19.97
CA PRO B 61 27.53 -28.48 21.16
C PRO B 61 27.06 -29.45 22.22
N ASN B 62 27.46 -30.71 22.13
CA ASN B 62 27.22 -31.73 23.14
C ASN B 62 28.40 -31.88 24.09
N ASP B 63 29.46 -31.10 23.90
CA ASP B 63 30.65 -31.16 24.72
C ASP B 63 30.82 -29.82 25.43
N ASP B 64 31.62 -29.81 26.50
CA ASP B 64 31.88 -28.55 27.18
C ASP B 64 32.77 -27.64 26.35
N THR B 65 33.76 -28.20 25.66
CA THR B 65 34.61 -27.36 24.80
C THR B 65 33.84 -26.87 23.58
N LEU B 66 32.93 -27.70 23.04
CA LEU B 66 32.12 -27.25 21.92
C LEU B 66 31.17 -26.15 22.35
N ARG B 67 30.62 -26.24 23.56
CA ARG B 67 29.76 -25.16 24.08
C ARG B 67 30.56 -23.87 24.25
N VAL B 68 31.79 -23.96 24.73
CA VAL B 68 32.62 -22.76 24.85
C VAL B 68 32.97 -22.20 23.48
N GLU B 69 33.38 -23.06 22.55
CA GLU B 69 33.76 -22.58 21.23
C GLU B 69 32.56 -22.00 20.47
N ALA B 70 31.38 -22.61 20.64
CA ALA B 70 30.17 -22.07 20.03
C ALA B 70 29.79 -20.73 20.62
N PHE B 71 30.03 -20.52 21.92
CA PHE B 71 29.69 -19.24 22.52
C PHE B 71 30.59 -18.13 22.01
N GLU B 72 31.89 -18.40 21.86
CA GLU B 72 32.79 -17.36 21.37
C GLU B 72 32.50 -17.00 19.92
N TYR B 73 31.78 -17.87 19.19
CA TYR B 73 31.45 -17.63 17.79
C TYR B 73 30.09 -16.98 17.63
N TYR B 74 29.08 -17.43 18.39
CA TYR B 74 27.73 -16.90 18.25
C TYR B 74 27.36 -15.91 19.36
N HIS B 75 28.14 -15.82 20.44
CA HIS B 75 27.86 -14.94 21.57
C HIS B 75 26.50 -15.25 22.19
N THR B 76 26.19 -16.54 22.32
CA THR B 76 24.96 -16.96 22.96
C THR B 76 25.17 -18.36 23.55
N THR B 77 24.44 -18.64 24.62
CA THR B 77 24.50 -19.93 25.27
C THR B 77 23.21 -20.71 25.13
N ASP B 78 22.27 -20.20 24.34
CA ASP B 78 21.05 -20.94 24.05
C ASP B 78 21.41 -22.25 23.34
N PRO B 79 21.10 -23.41 23.92
CA PRO B 79 21.42 -24.67 23.23
C PRO B 79 20.64 -24.85 21.93
N SER B 80 19.42 -24.33 21.87
CA SER B 80 18.55 -24.45 20.71
C SER B 80 18.89 -23.45 19.61
N PHE B 81 20.01 -22.72 19.73
CA PHE B 81 20.31 -21.66 18.77
C PHE B 81 20.63 -22.23 17.39
N LEU B 82 21.60 -23.15 17.32
CA LEU B 82 21.94 -23.74 16.02
C LEU B 82 20.75 -24.46 15.41
N GLY B 83 19.94 -25.11 16.24
CA GLY B 83 18.76 -25.76 15.73
C GLY B 83 17.83 -24.79 15.02
N ARG B 84 17.56 -23.64 15.65
CA ARG B 84 16.70 -22.63 15.03
C ARG B 84 17.41 -21.92 13.90
N TYR B 85 18.74 -21.78 13.98
CA TYR B 85 19.49 -21.14 12.91
C TYR B 85 19.58 -22.03 11.68
N MET B 86 19.75 -23.35 11.88
CA MET B 86 19.78 -24.26 10.74
C MET B 86 18.40 -24.40 10.10
N SER B 87 17.33 -24.35 10.90
CA SER B 87 15.99 -24.37 10.32
C SER B 87 15.75 -23.15 9.44
N ALA B 88 16.13 -21.96 9.93
CA ALA B 88 15.94 -20.74 9.16
C ALA B 88 16.82 -20.72 7.90
N LEU B 89 18.07 -21.16 8.02
CA LEU B 89 18.97 -21.17 6.86
C LEU B 89 18.45 -22.07 5.76
N ASN B 90 17.67 -23.09 6.13
CA ASN B 90 17.10 -23.99 5.13
C ASN B 90 16.08 -23.27 4.25
N HIS B 91 15.47 -22.20 4.76
CA HIS B 91 14.53 -21.39 3.99
C HIS B 91 15.21 -20.19 3.35
N THR B 92 16.08 -19.50 4.09
CA THR B 92 16.66 -18.27 3.56
C THR B 92 17.54 -18.53 2.35
N LYS B 93 18.16 -19.72 2.27
CA LYS B 93 18.99 -20.05 1.12
C LYS B 93 18.16 -20.24 -0.15
N LYS B 94 16.85 -20.40 -0.02
CA LYS B 94 15.95 -20.48 -1.16
C LYS B 94 15.37 -19.14 -1.55
N TRP B 95 15.65 -18.07 -0.80
CA TRP B 95 15.15 -16.76 -1.14
C TRP B 95 15.98 -16.13 -2.25
N LYS B 96 15.45 -15.05 -2.81
CA LYS B 96 16.14 -14.27 -3.84
C LYS B 96 16.54 -12.93 -3.24
N TYR B 97 17.79 -12.51 -3.50
CA TYR B 97 18.36 -11.30 -2.91
C TYR B 97 18.77 -10.36 -4.04
N PRO B 98 17.82 -9.61 -4.60
CA PRO B 98 18.16 -8.71 -5.71
C PRO B 98 18.92 -7.48 -5.23
N GLN B 99 19.82 -7.00 -6.08
CA GLN B 99 20.57 -5.78 -5.83
C GLN B 99 19.72 -4.60 -6.27
N VAL B 100 19.02 -3.98 -5.33
CA VAL B 100 18.13 -2.86 -5.63
C VAL B 100 18.89 -1.57 -5.31
N ASN B 101 19.33 -0.88 -6.36
CA ASN B 101 20.01 0.41 -6.21
C ASN B 101 21.27 0.28 -5.36
N GLY B 102 22.14 -0.66 -5.74
CA GLY B 102 23.38 -0.90 -5.03
C GLY B 102 23.26 -1.58 -3.68
N LEU B 103 22.05 -1.74 -3.15
CA LEU B 103 21.83 -2.39 -1.88
C LEU B 103 21.21 -3.77 -2.08
N THR B 104 21.33 -4.60 -1.05
CA THR B 104 20.84 -5.97 -1.10
C THR B 104 19.50 -6.05 -0.37
N SER B 105 18.43 -6.30 -1.13
CA SER B 105 17.09 -6.47 -0.61
C SER B 105 16.73 -7.96 -0.65
N ILE B 106 15.47 -8.26 -0.38
CA ILE B 106 14.98 -9.64 -0.37
C ILE B 106 13.69 -9.69 -1.17
N LYS B 107 13.62 -10.59 -2.15
CA LYS B 107 12.36 -10.83 -2.86
C LYS B 107 11.32 -11.37 -1.88
N TRP B 108 10.12 -10.78 -1.92
CA TRP B 108 9.11 -11.08 -0.92
C TRP B 108 8.77 -12.57 -0.86
N ALA B 109 8.81 -13.11 0.37
CA ALA B 109 8.50 -14.51 0.64
C ALA B 109 8.42 -14.72 2.15
N ASP B 110 7.36 -15.41 2.60
CA ASP B 110 7.22 -15.79 4.01
C ASP B 110 7.18 -14.57 4.94
N ASN B 111 6.49 -13.51 4.51
CA ASN B 111 6.32 -12.30 5.31
C ASN B 111 7.66 -11.69 5.72
N ASN B 112 8.63 -11.71 4.82
CA ASN B 112 9.99 -11.24 5.10
C ASN B 112 10.16 -9.74 4.89
N CYS B 113 9.06 -8.99 4.72
CA CYS B 113 9.17 -7.57 4.42
C CYS B 113 9.90 -6.82 5.52
N TYR B 114 9.65 -7.15 6.80
CA TYR B 114 10.37 -6.49 7.88
C TYR B 114 11.85 -6.87 7.89
N LEU B 115 12.18 -8.09 7.50
CA LEU B 115 13.59 -8.47 7.37
C LEU B 115 14.26 -7.66 6.26
N ALA B 116 13.57 -7.53 5.12
CA ALA B 116 14.14 -6.75 4.02
C ALA B 116 14.38 -5.31 4.43
N THR B 117 13.41 -4.69 5.13
CA THR B 117 13.59 -3.32 5.57
C THR B 117 14.78 -3.18 6.50
N ALA B 118 14.91 -4.10 7.46
CA ALA B 118 16.05 -4.07 8.38
C ALA B 118 17.36 -4.32 7.65
N LEU B 119 17.38 -5.29 6.72
CA LEU B 119 18.60 -5.58 5.98
C LEU B 119 19.06 -4.38 5.16
N LEU B 120 18.12 -3.66 4.55
CA LEU B 120 18.49 -2.47 3.80
C LEU B 120 18.99 -1.37 4.73
N THR B 121 18.40 -1.26 5.93
CA THR B 121 18.82 -0.24 6.89
C THR B 121 20.22 -0.53 7.43
N LEU B 122 20.53 -1.81 7.67
CA LEU B 122 21.84 -2.16 8.23
C LEU B 122 22.98 -1.82 7.27
N GLN B 123 22.71 -1.82 5.97
CA GLN B 123 23.73 -1.47 4.99
C GLN B 123 23.92 0.04 4.82
N GLN B 124 23.17 0.86 5.56
CA GLN B 124 23.26 2.30 5.41
C GLN B 124 23.71 3.02 6.68
N ILE B 125 23.97 2.30 7.75
CA ILE B 125 24.48 2.88 8.99
C ILE B 125 25.79 2.21 9.32
N GLU B 126 26.72 2.98 9.90
CA GLU B 126 28.02 2.44 10.28
C GLU B 126 27.86 1.54 11.50
N LEU B 127 28.21 0.26 11.35
CA LEU B 127 27.93 -0.70 12.40
C LEU B 127 28.89 -1.88 12.28
N LYS B 128 29.49 -2.27 13.42
CA LYS B 128 30.39 -3.42 13.48
C LYS B 128 29.85 -4.41 14.51
N PHE B 129 29.72 -5.67 14.10
CA PHE B 129 29.15 -6.69 14.99
C PHE B 129 30.24 -7.39 15.79
N ASN B 130 29.92 -7.71 17.04
CA ASN B 130 30.81 -8.40 17.96
C ASN B 130 30.91 -9.90 17.67
N PRO B 131 29.79 -10.63 17.51
CA PRO B 131 29.91 -12.07 17.22
C PRO B 131 30.62 -12.31 15.90
N PRO B 132 31.67 -13.14 15.90
CA PRO B 132 32.35 -13.43 14.63
C PRO B 132 31.43 -14.05 13.59
N ALA B 133 30.45 -14.86 14.02
CA ALA B 133 29.49 -15.42 13.08
C ALA B 133 28.69 -14.32 12.38
N LEU B 134 28.31 -13.28 13.12
CA LEU B 134 27.57 -12.17 12.52
C LEU B 134 28.46 -11.35 11.62
N GLN B 135 29.69 -11.07 12.05
CA GLN B 135 30.57 -10.23 11.26
C GLN B 135 30.87 -10.87 9.91
N ASP B 136 31.03 -12.19 9.89
CA ASP B 136 31.26 -12.89 8.63
C ASP B 136 30.02 -12.83 7.74
N ALA B 137 28.84 -13.06 8.32
CA ALA B 137 27.61 -13.02 7.53
C ALA B 137 27.28 -11.61 7.09
N TYR B 138 27.68 -10.60 7.86
CA TYR B 138 27.44 -9.22 7.46
C TYR B 138 28.21 -8.88 6.19
N TYR B 139 29.45 -9.34 6.09
CA TYR B 139 30.24 -9.08 4.88
C TYR B 139 29.59 -9.74 3.67
N ARG B 140 29.12 -10.98 3.85
CA ARG B 140 28.50 -11.69 2.75
C ARG B 140 27.17 -11.07 2.34
N ALA B 141 26.51 -10.36 3.25
CA ALA B 141 25.23 -9.74 2.91
C ALA B 141 25.44 -8.56 1.95
N ARG B 142 26.48 -7.77 2.20
CA ARG B 142 26.82 -6.67 1.31
C ARG B 142 27.26 -7.16 -0.07
N ALA B 143 27.87 -8.34 -0.14
CA ALA B 143 28.24 -8.91 -1.44
C ALA B 143 27.01 -9.35 -2.21
N GLY B 144 26.15 -10.14 -1.57
CA GLY B 144 24.94 -10.64 -2.20
C GLY B 144 24.44 -11.90 -1.54
N GLU B 145 25.37 -12.67 -0.93
CA GLU B 145 25.04 -13.89 -0.20
C GLU B 145 24.55 -13.53 1.20
N ALA B 146 23.33 -12.99 1.24
CA ALA B 146 22.70 -12.57 2.48
C ALA B 146 21.89 -13.67 3.14
N ALA B 147 21.74 -14.82 2.49
CA ALA B 147 20.92 -15.89 3.05
C ALA B 147 21.45 -16.35 4.40
N ASN B 148 22.77 -16.45 4.53
CA ASN B 148 23.35 -16.86 5.82
C ASN B 148 23.12 -15.78 6.87
N PHE B 149 23.14 -14.50 6.47
CA PHE B 149 22.97 -13.41 7.41
C PHE B 149 21.53 -13.32 7.91
N CYS B 150 20.55 -13.51 7.03
CA CYS B 150 19.16 -13.45 7.45
C CYS B 150 18.80 -14.58 8.40
N ALA B 151 19.44 -15.74 8.26
CA ALA B 151 19.18 -16.84 9.18
C ALA B 151 19.69 -16.50 10.58
N LEU B 152 20.85 -15.87 10.66
CA LEU B 152 21.36 -15.43 11.96
C LEU B 152 20.44 -14.41 12.61
N ILE B 153 19.94 -13.45 11.81
CA ILE B 153 19.00 -12.47 12.34
C ILE B 153 17.79 -13.16 12.94
N LEU B 154 17.19 -14.08 12.19
CA LEU B 154 16.02 -14.81 12.70
C LEU B 154 16.35 -15.59 13.97
N ALA B 155 17.54 -16.20 14.02
CA ALA B 155 17.91 -16.99 15.19
C ALA B 155 18.15 -16.09 16.40
N TYR B 156 18.81 -14.96 16.20
CA TYR B 156 19.08 -14.06 17.31
C TYR B 156 17.79 -13.45 17.86
N CYS B 157 16.85 -13.12 16.98
CA CYS B 157 15.60 -12.52 17.42
C CYS B 157 14.56 -13.53 17.87
N ASN B 158 14.88 -14.83 17.81
CA ASN B 158 13.93 -15.90 18.12
C ASN B 158 12.66 -15.76 17.27
N LYS B 159 12.86 -15.76 15.96
CA LYS B 159 11.75 -15.65 15.01
C LYS B 159 11.95 -16.69 13.92
N THR B 160 10.96 -17.57 13.76
CA THR B 160 11.01 -18.58 12.70
C THR B 160 10.49 -18.00 11.38
N VAL B 161 10.93 -18.62 10.28
CA VAL B 161 10.53 -18.13 8.96
C VAL B 161 9.01 -18.18 8.85
N GLY B 162 8.44 -17.16 8.22
CA GLY B 162 7.01 -17.08 8.01
C GLY B 162 6.25 -16.25 9.03
N GLU B 163 6.88 -15.90 10.16
CA GLU B 163 6.19 -15.12 11.18
C GLU B 163 6.31 -13.64 10.89
N LEU B 164 5.26 -12.90 11.20
CA LEU B 164 5.29 -11.45 11.09
C LEU B 164 6.24 -10.87 12.13
N GLY B 165 6.84 -9.72 11.80
CA GLY B 165 7.90 -9.16 12.62
C GLY B 165 7.78 -7.65 12.76
N ASP B 166 8.68 -7.12 13.58
CA ASP B 166 8.78 -5.69 13.88
C ASP B 166 10.19 -5.23 13.52
N VAL B 167 10.28 -4.14 12.76
CA VAL B 167 11.60 -3.65 12.34
C VAL B 167 12.35 -3.05 13.51
N ARG B 168 11.67 -2.22 14.32
CA ARG B 168 12.31 -1.64 15.48
C ARG B 168 12.76 -2.71 16.48
N GLU B 169 11.92 -3.72 16.66
CA GLU B 169 12.26 -4.79 17.59
C GLU B 169 13.48 -5.56 17.11
N THR B 170 13.58 -5.79 15.79
CA THR B 170 14.72 -6.51 15.21
C THR B 170 16.02 -5.69 15.34
N MET B 171 15.95 -4.38 15.09
CA MET B 171 17.16 -3.56 15.20
C MET B 171 17.69 -3.56 16.62
N SER B 172 16.82 -3.36 17.62
CA SER B 172 17.30 -3.29 19.00
C SER B 172 17.89 -4.61 19.47
N TYR B 173 17.36 -5.73 19.00
CA TYR B 173 17.98 -7.01 19.31
C TYR B 173 19.38 -7.08 18.71
N LEU B 174 19.52 -6.68 17.45
CA LEU B 174 20.81 -6.75 16.78
C LEU B 174 21.78 -5.73 17.35
N PHE B 175 21.28 -4.57 17.81
CA PHE B 175 22.15 -3.58 18.42
C PHE B 175 22.82 -4.11 19.69
N GLN B 176 22.17 -5.08 20.37
CA GLN B 176 22.76 -5.70 21.53
C GLN B 176 24.07 -6.39 21.18
N HIS B 177 24.16 -6.94 19.98
CA HIS B 177 25.36 -7.61 19.50
C HIS B 177 26.24 -6.71 18.66
N ALA B 178 26.00 -5.41 18.67
CA ALA B 178 26.85 -4.48 17.93
C ALA B 178 27.77 -3.74 18.88
N ASN B 179 28.90 -3.26 18.35
CA ASN B 179 29.88 -2.55 19.17
C ASN B 179 29.45 -1.10 19.27
N LEU B 180 28.51 -0.85 20.18
CA LEU B 180 27.98 0.48 20.44
C LEU B 180 28.25 0.95 21.86
N ASP B 181 29.17 0.28 22.58
CA ASP B 181 29.46 0.67 23.95
C ASP B 181 30.11 2.05 24.04
N SER B 182 30.74 2.52 22.96
CA SER B 182 31.34 3.85 22.94
C SER B 182 30.34 4.95 22.61
N CYS B 183 29.06 4.62 22.41
CA CYS B 183 28.04 5.62 22.13
C CYS B 183 27.53 6.26 23.42
N LYS B 184 27.27 7.56 23.36
CA LYS B 184 26.91 8.33 24.55
C LYS B 184 25.84 9.34 24.19
N ARG B 185 24.83 9.45 25.05
CA ARG B 185 23.75 10.41 24.88
C ARG B 185 23.49 11.10 26.22
N VAL B 186 23.33 12.42 26.17
CA VAL B 186 23.04 13.22 27.36
C VAL B 186 21.70 13.88 27.14
N LEU B 187 20.74 13.58 28.02
CA LEU B 187 19.39 14.14 27.98
C LEU B 187 19.18 15.10 29.13
N ASN B 188 18.22 16.00 28.98
CA ASN B 188 17.85 16.95 30.02
C ASN B 188 16.35 17.17 30.01
N VAL B 189 15.73 17.00 31.18
CA VAL B 189 14.30 17.25 31.36
C VAL B 189 14.14 18.44 32.28
N VAL B 190 13.36 19.43 31.84
CA VAL B 190 13.18 20.68 32.56
C VAL B 190 11.70 20.88 32.85
N CYS B 191 11.37 21.15 34.11
CA CYS B 191 10.04 21.57 34.49
C CYS B 191 10.09 23.01 34.98
N LYS B 192 8.99 23.74 34.79
CA LYS B 192 8.99 25.15 35.16
C LYS B 192 9.00 25.34 36.68
N THR B 193 8.52 24.36 37.43
CA THR B 193 8.54 24.48 38.89
C THR B 193 9.41 23.44 39.57
N CYS B 194 9.45 22.21 39.06
CA CYS B 194 10.29 21.18 39.67
C CYS B 194 11.78 21.52 39.53
N GLY B 195 12.16 22.13 38.42
CA GLY B 195 13.55 22.48 38.15
C GLY B 195 14.09 21.74 36.95
N GLN B 196 15.40 21.45 36.99
CA GLN B 196 16.10 20.86 35.87
C GLN B 196 16.78 19.58 36.32
N GLN B 197 16.81 18.57 35.45
CA GLN B 197 17.41 17.28 35.76
C GLN B 197 17.93 16.65 34.47
N GLN B 198 19.20 16.27 34.43
CA GLN B 198 19.79 15.68 33.22
C GLN B 198 20.27 14.26 33.50
N THR B 199 20.12 13.39 32.50
CA THR B 199 20.57 12.01 32.61
C THR B 199 21.51 11.68 31.44
N THR B 200 22.30 10.63 31.63
CA THR B 200 23.29 10.19 30.65
C THR B 200 23.07 8.71 30.34
N LEU B 201 23.07 8.40 29.05
CA LEU B 201 22.84 7.05 28.54
C LEU B 201 24.06 6.58 27.76
N LYS B 202 24.39 5.30 27.87
CA LYS B 202 25.51 4.70 27.16
C LYS B 202 25.06 3.42 26.47
N GLY B 203 25.74 3.07 25.38
CA GLY B 203 25.43 1.83 24.68
C GLY B 203 24.25 1.92 23.74
N VAL B 204 23.47 0.83 23.67
CA VAL B 204 22.34 0.77 22.74
C VAL B 204 21.31 1.85 23.07
N GLU B 205 21.11 2.11 24.37
CA GLU B 205 20.12 3.10 24.76
C GLU B 205 20.46 4.49 24.25
N ALA B 206 21.71 4.74 23.88
CA ALA B 206 22.13 6.06 23.43
C ALA B 206 21.78 6.36 21.98
N VAL B 207 21.33 5.36 21.21
CA VAL B 207 21.07 5.55 19.79
C VAL B 207 19.62 5.32 19.41
N MET B 208 18.75 5.02 20.38
CA MET B 208 17.34 4.78 20.12
C MET B 208 16.50 5.69 20.99
N TYR B 209 15.42 6.23 20.42
CA TYR B 209 14.43 6.98 21.16
C TYR B 209 13.05 6.59 20.66
N MET B 210 12.10 6.46 21.59
CA MET B 210 10.73 6.08 21.28
C MET B 210 9.81 7.21 21.70
N GLY B 211 9.30 7.97 20.72
CA GLY B 211 8.40 9.06 21.02
C GLY B 211 8.15 10.00 19.87
N THR B 212 9.16 10.26 19.06
CA THR B 212 9.02 11.13 17.90
C THR B 212 9.92 10.62 16.79
N LEU B 213 9.50 10.86 15.56
CA LEU B 213 10.30 10.47 14.40
C LEU B 213 11.33 11.53 14.05
N SER B 214 11.07 12.79 14.39
CA SER B 214 11.93 13.90 13.98
C SER B 214 13.13 14.00 14.90
N TYR B 215 14.33 13.86 14.34
CA TYR B 215 15.54 14.09 15.13
C TYR B 215 15.60 15.54 15.56
N GLU B 216 15.15 16.46 14.71
CA GLU B 216 15.17 17.86 15.09
C GLU B 216 14.26 18.11 16.28
N GLN B 217 13.05 17.57 16.25
CA GLN B 217 12.12 17.77 17.36
C GLN B 217 12.73 17.26 18.66
N PHE B 218 13.60 16.25 18.58
CA PHE B 218 14.29 15.75 19.77
C PHE B 218 15.26 16.77 20.34
N LYS B 219 15.82 17.64 19.50
CA LYS B 219 16.74 18.66 19.96
C LYS B 219 16.00 19.89 20.49
N LYS B 220 14.86 20.25 19.89
CA LYS B 220 14.09 21.39 20.38
C LYS B 220 13.40 21.07 21.70
N GLY B 221 12.94 19.83 21.86
CA GLY B 221 12.28 19.44 23.09
C GLY B 221 10.97 18.74 22.79
N VAL B 222 10.70 17.66 23.52
CA VAL B 222 9.45 16.91 23.39
C VAL B 222 8.74 16.99 24.73
N GLN B 223 7.43 17.12 24.70
CA GLN B 223 6.68 17.28 25.93
C GLN B 223 6.58 15.94 26.65
N ILE B 224 6.90 15.96 27.95
CA ILE B 224 6.96 14.77 28.78
C ILE B 224 6.27 15.08 30.10
N PRO B 225 5.38 14.21 30.59
CA PRO B 225 4.75 14.48 31.89
C PRO B 225 5.77 14.44 33.01
N CYS B 226 5.55 15.29 34.00
CA CYS B 226 6.39 15.38 35.18
C CYS B 226 5.70 14.68 36.35
N THR B 227 6.47 14.43 37.42
CA THR B 227 5.86 13.83 38.60
C THR B 227 4.84 14.77 39.23
N CYS B 228 4.89 16.06 38.90
CA CYS B 228 3.84 17.00 39.25
C CYS B 228 2.78 16.99 38.14
N GLY B 229 1.71 17.73 38.37
CA GLY B 229 0.63 17.82 37.40
C GLY B 229 1.03 18.19 35.97
N LYS B 230 1.73 19.30 35.81
CA LYS B 230 1.98 19.87 34.49
C LYS B 230 3.08 19.12 33.73
N GLN B 231 3.22 19.49 32.46
CA GLN B 231 4.08 18.83 31.49
C GLN B 231 5.48 19.46 31.48
N ALA B 232 6.51 18.61 31.52
CA ALA B 232 7.89 19.07 31.40
C ALA B 232 8.37 18.88 29.96
N THR B 233 9.62 19.30 29.70
CA THR B 233 10.21 19.25 28.36
C THR B 233 11.55 18.52 28.39
N LYS B 234 11.66 17.49 27.56
CA LYS B 234 12.89 16.71 27.41
C LYS B 234 13.52 17.03 26.06
N TYR B 235 14.82 17.37 26.07
CA TYR B 235 15.55 17.70 24.85
C TYR B 235 16.93 17.02 24.88
N LEU B 236 17.52 16.90 23.69
CA LEU B 236 18.83 16.29 23.53
C LEU B 236 19.95 17.30 23.77
N VAL B 237 20.81 17.01 24.73
CA VAL B 237 21.92 17.89 25.08
C VAL B 237 23.14 17.57 24.22
N GLN B 238 23.62 16.33 24.31
CA GLN B 238 24.81 15.92 23.57
C GLN B 238 24.60 14.52 23.01
N GLN B 239 25.11 14.29 21.79
CA GLN B 239 24.97 13.01 21.11
C GLN B 239 26.27 12.66 20.42
N GLU B 240 26.83 11.49 20.74
CA GLU B 240 28.07 11.01 20.12
C GLU B 240 27.83 9.56 19.73
N SER B 241 27.60 9.34 18.43
CA SER B 241 27.31 8.03 17.88
C SER B 241 27.32 8.14 16.37
N PRO B 242 27.56 7.03 15.66
CA PRO B 242 27.53 7.09 14.19
C PRO B 242 26.13 7.31 13.62
N PHE B 243 25.08 7.09 14.39
CA PHE B 243 23.71 7.23 13.89
C PHE B 243 22.77 7.40 15.08
N VAL B 244 21.52 7.76 14.78
CA VAL B 244 20.44 7.74 15.76
C VAL B 244 19.23 7.14 15.08
N MET B 245 18.38 6.51 15.89
CA MET B 245 17.16 5.87 15.41
C MET B 245 15.98 6.46 16.17
N MET B 246 15.11 7.15 15.46
CA MET B 246 13.91 7.74 16.04
C MET B 246 12.70 6.91 15.63
N SER B 247 11.92 6.48 16.62
CA SER B 247 10.79 5.58 16.38
C SER B 247 9.53 6.15 17.02
N ALA B 248 8.40 5.77 16.44
CA ALA B 248 7.08 6.20 16.89
C ALA B 248 6.04 5.30 16.22
N PRO B 249 4.85 5.17 16.81
CA PRO B 249 3.81 4.40 16.14
C PRO B 249 3.48 5.00 14.79
N PRO B 250 3.06 4.17 13.84
CA PRO B 250 2.85 4.65 12.45
C PRO B 250 1.90 5.84 12.41
N ALA B 251 2.42 6.97 11.93
CA ALA B 251 1.65 8.18 11.75
C ALA B 251 2.10 8.88 10.47
N GLN B 252 1.19 9.68 9.90
CA GLN B 252 1.51 10.46 8.71
C GLN B 252 2.68 11.38 8.99
N TYR B 253 3.73 11.28 8.17
CA TYR B 253 4.96 12.00 8.39
C TYR B 253 5.58 12.29 7.03
N GLU B 254 6.14 13.49 6.89
CA GLU B 254 6.75 13.90 5.63
C GLU B 254 8.25 13.74 5.71
N LEU B 255 8.81 13.05 4.72
CA LEU B 255 10.25 12.85 4.63
C LEU B 255 10.77 13.74 3.50
N LYS B 256 11.52 14.77 3.87
CA LYS B 256 12.13 15.67 2.90
C LYS B 256 13.49 15.11 2.50
N HIS B 257 13.77 15.11 1.20
CA HIS B 257 14.99 14.51 0.67
C HIS B 257 16.23 15.19 1.25
N GLY B 258 17.23 14.38 1.58
CA GLY B 258 18.48 14.88 2.10
C GLY B 258 18.51 15.18 3.59
N THR B 259 17.39 15.03 4.29
CA THR B 259 17.30 15.36 5.71
C THR B 259 17.34 14.13 6.61
N PHE B 260 17.61 12.95 6.04
CA PHE B 260 17.65 11.71 6.80
C PHE B 260 18.41 10.68 5.99
N THR B 261 18.74 9.56 6.64
CA THR B 261 19.38 8.45 5.94
C THR B 261 18.36 7.53 5.29
N CYS B 262 17.51 6.88 6.09
CA CYS B 262 16.48 5.99 5.58
C CYS B 262 15.38 5.86 6.64
N ALA B 263 14.25 5.30 6.22
CA ALA B 263 13.09 5.21 7.10
C ALA B 263 12.32 3.92 6.82
N SER B 264 11.40 3.61 7.74
CA SER B 264 10.56 2.42 7.68
C SER B 264 9.10 2.84 7.60
N GLU B 265 8.45 2.49 6.49
CA GLU B 265 7.03 2.71 6.31
C GLU B 265 6.24 1.48 6.78
N TYR B 266 5.15 1.73 7.49
CA TYR B 266 4.28 0.66 7.95
C TYR B 266 2.84 0.99 7.60
N THR B 267 2.21 0.12 6.83
CA THR B 267 0.83 0.29 6.40
C THR B 267 -0.02 -0.88 6.87
N GLY B 268 -1.21 -0.57 7.40
CA GLY B 268 -2.12 -1.61 7.85
C GLY B 268 -2.40 -1.47 9.33
N ASN B 269 -2.94 -2.52 9.95
CA ASN B 269 -3.16 -2.51 11.39
C ASN B 269 -2.03 -3.25 12.08
N TYR B 270 -2.07 -3.26 13.42
CA TYR B 270 -1.05 -3.94 14.19
C TYR B 270 -1.12 -5.46 14.04
N GLN B 271 -2.24 -6.02 13.60
CA GLN B 271 -2.34 -7.48 13.54
C GLN B 271 -1.66 -8.01 12.29
N CYS B 272 -1.74 -7.27 11.18
CA CYS B 272 -1.01 -7.63 9.99
C CYS B 272 -0.76 -6.35 9.21
N GLY B 273 0.51 -6.10 8.89
CA GLY B 273 0.90 -4.87 8.23
C GLY B 273 1.94 -5.14 7.16
N HIS B 274 2.40 -4.06 6.55
CA HIS B 274 3.34 -4.17 5.44
C HIS B 274 4.45 -3.15 5.63
N TYR B 275 5.69 -3.63 5.60
CA TYR B 275 6.86 -2.78 5.79
C TYR B 275 7.47 -2.43 4.44
N LYS B 276 7.80 -1.16 4.27
CA LYS B 276 8.52 -0.68 3.10
C LYS B 276 9.67 0.20 3.57
N HIS B 277 10.75 0.20 2.79
CA HIS B 277 11.97 0.90 3.13
C HIS B 277 12.13 2.12 2.23
N ILE B 278 12.21 3.30 2.83
CA ILE B 278 12.45 4.55 2.12
C ILE B 278 13.89 4.96 2.39
N THR B 279 14.63 5.26 1.32
CA THR B 279 16.02 5.70 1.42
C THR B 279 16.21 6.99 0.63
N SER B 280 17.15 7.82 1.08
CA SER B 280 17.41 9.11 0.47
C SER B 280 18.79 9.07 -0.19
N LYS B 281 18.82 9.23 -1.51
CA LYS B 281 20.07 9.29 -2.26
C LYS B 281 20.08 10.53 -3.15
N GLU B 282 20.16 10.36 -4.47
CA GLU B 282 19.99 11.52 -5.34
C GLU B 282 18.54 11.98 -5.32
N THR B 283 17.61 11.06 -5.07
CA THR B 283 16.21 11.38 -4.84
C THR B 283 15.66 10.37 -3.82
N LEU B 284 14.34 10.38 -3.62
CA LEU B 284 13.70 9.48 -2.67
C LEU B 284 13.34 8.17 -3.36
N TYR B 285 13.78 7.06 -2.76
CA TYR B 285 13.48 5.73 -3.26
C TYR B 285 12.62 4.97 -2.26
N CYS B 286 11.74 4.11 -2.78
CA CYS B 286 10.89 3.27 -1.95
C CYS B 286 11.07 1.83 -2.40
N ILE B 287 11.72 1.03 -1.56
CA ILE B 287 12.02 -0.37 -1.85
C ILE B 287 11.04 -1.25 -1.09
N ASP B 288 10.27 -2.04 -1.83
CA ASP B 288 9.33 -3.01 -1.28
C ASP B 288 9.79 -4.39 -1.75
N GLY B 289 10.80 -4.93 -1.08
CA GLY B 289 11.38 -6.18 -1.52
C GLY B 289 12.14 -6.02 -2.82
N ALA B 290 11.58 -6.52 -3.91
CA ALA B 290 12.20 -6.39 -5.23
C ALA B 290 11.68 -5.20 -6.03
N LEU B 291 10.70 -4.47 -5.53
CA LEU B 291 10.08 -3.39 -6.28
C LEU B 291 10.67 -2.06 -5.84
N LEU B 292 10.69 -1.10 -6.76
CA LEU B 292 11.35 0.19 -6.56
C LEU B 292 10.47 1.32 -7.04
N THR B 293 10.52 2.46 -6.36
CA THR B 293 9.72 3.63 -6.73
C THR B 293 10.49 4.88 -6.39
N LYS B 294 10.58 5.80 -7.34
CA LYS B 294 11.23 7.10 -7.14
C LYS B 294 10.19 8.20 -7.07
N SER B 295 10.55 9.29 -6.40
CA SER B 295 9.72 10.48 -6.30
C SER B 295 10.55 11.59 -5.66
N SER B 296 10.13 12.84 -5.90
CA SER B 296 10.85 13.96 -5.33
C SER B 296 10.56 14.10 -3.84
N GLU B 297 9.33 13.84 -3.42
CA GLU B 297 8.95 13.95 -2.03
C GLU B 297 8.14 12.73 -1.59
N TYR B 298 7.98 12.62 -0.27
CA TYR B 298 7.27 11.52 0.35
C TYR B 298 6.41 12.03 1.50
N LYS B 299 5.21 11.49 1.62
CA LYS B 299 4.35 11.79 2.75
C LYS B 299 3.53 10.53 3.03
N GLY B 300 3.84 9.85 4.14
CA GLY B 300 3.18 8.61 4.48
C GLY B 300 3.37 8.18 5.92
N PRO B 301 2.81 7.02 6.28
CA PRO B 301 2.92 6.53 7.66
C PRO B 301 4.26 5.88 7.95
N ILE B 302 5.11 6.60 8.66
CA ILE B 302 6.45 6.15 9.02
C ILE B 302 6.47 5.74 10.49
N THR B 303 7.28 4.73 10.79
CA THR B 303 7.44 4.29 12.17
C THR B 303 8.88 4.36 12.67
N ASP B 304 9.86 4.28 11.79
CA ASP B 304 11.27 4.40 12.16
C ASP B 304 11.96 5.31 11.16
N VAL B 305 12.82 6.20 11.65
CA VAL B 305 13.64 7.07 10.81
C VAL B 305 15.07 7.03 11.34
N PHE B 306 16.03 6.89 10.42
CA PHE B 306 17.44 6.77 10.77
C PHE B 306 18.21 7.99 10.27
N TYR B 307 19.00 8.58 11.16
CA TYR B 307 19.76 9.79 10.84
C TYR B 307 21.24 9.54 11.04
N LYS B 308 22.05 10.21 10.21
CA LYS B 308 23.50 10.18 10.39
C LYS B 308 23.93 11.20 11.43
N GLU B 309 24.87 10.79 12.29
CA GLU B 309 25.36 11.64 13.36
C GLU B 309 26.83 11.33 13.58
N ASN B 310 27.52 12.30 14.17
CA ASN B 310 28.91 12.12 14.56
C ASN B 310 29.10 12.66 15.97
N SER B 311 28.90 13.96 16.12
CA SER B 311 28.95 14.60 17.43
C SER B 311 28.09 15.85 17.39
N TYR B 312 27.11 15.92 18.28
CA TYR B 312 26.22 17.06 18.37
C TYR B 312 26.20 17.56 19.80
N THR B 313 26.31 18.87 19.97
CA THR B 313 26.19 19.51 21.27
C THR B 313 25.19 20.64 21.16
N THR B 314 24.21 20.67 22.06
CA THR B 314 23.17 21.69 22.02
C THR B 314 23.73 23.05 22.41
N THR B 315 23.02 24.09 21.97
CA THR B 315 23.31 25.44 22.43
C THR B 315 22.32 25.87 23.52
N ILE B 316 21.38 24.99 23.87
CA ILE B 316 20.36 25.28 24.87
C ILE B 316 21.00 25.32 26.26
N LYS B 317 20.61 26.30 27.06
CA LYS B 317 21.07 26.40 28.45
C LYS B 317 19.89 26.87 29.29
N PRO B 318 19.23 25.96 30.03
CA PRO B 318 18.01 26.36 30.74
C PRO B 318 18.23 27.28 31.93
N LEU B 319 19.26 27.02 32.75
CA LEU B 319 19.57 27.79 33.96
C LEU B 319 18.35 28.00 34.86
N GLU B 320 17.90 26.90 35.45
CA GLU B 320 16.82 27.03 36.42
C GLU B 320 16.82 25.84 37.36
N HIS B 321 16.33 26.08 38.56
CA HIS B 321 16.22 25.04 39.57
C HIS B 321 15.35 25.50 40.73
N GLU C 3 24.51 23.40 -52.81
CA GLU C 3 23.52 22.84 -53.73
C GLU C 3 23.18 21.40 -53.34
N VAL C 4 21.96 21.18 -52.86
CA VAL C 4 21.48 19.86 -52.46
C VAL C 4 20.49 19.36 -53.49
N ARG C 5 19.88 18.20 -53.25
CA ARG C 5 18.86 17.69 -54.14
C ARG C 5 17.52 17.60 -53.41
N THR C 6 16.49 18.10 -54.08
CA THR C 6 15.17 18.25 -53.50
C THR C 6 14.11 17.73 -54.48
N ILE C 7 13.02 17.23 -53.93
CA ILE C 7 11.82 16.90 -54.70
C ILE C 7 10.62 17.53 -53.99
N LYS C 8 9.55 17.70 -54.75
CA LYS C 8 8.29 18.26 -54.25
C LYS C 8 7.33 17.12 -53.93
N VAL C 9 6.75 17.15 -52.73
CA VAL C 9 5.78 16.16 -52.29
C VAL C 9 4.61 16.90 -51.67
N PHE C 10 3.59 16.14 -51.27
CA PHE C 10 2.41 16.69 -50.61
C PHE C 10 2.22 16.02 -49.26
N THR C 11 1.98 16.84 -48.24
CA THR C 11 1.63 16.33 -46.92
C THR C 11 0.16 16.64 -46.66
N THR C 12 -0.48 15.80 -45.84
CA THR C 12 -1.89 15.96 -45.56
C THR C 12 -2.22 15.26 -44.25
N VAL C 13 -3.36 15.63 -43.67
CA VAL C 13 -3.91 14.94 -42.52
C VAL C 13 -5.25 14.30 -42.81
N ASP C 14 -5.84 14.58 -43.98
CA ASP C 14 -7.17 14.11 -44.32
C ASP C 14 -7.26 13.50 -45.71
N ASN C 15 -6.16 13.50 -46.47
CA ASN C 15 -6.13 13.03 -47.87
C ASN C 15 -7.09 13.81 -48.77
N ILE C 16 -7.55 14.98 -48.30
CA ILE C 16 -8.37 15.88 -49.11
C ILE C 16 -7.67 17.21 -49.35
N ASN C 17 -7.06 17.78 -48.31
CA ASN C 17 -6.33 19.05 -48.40
C ASN C 17 -4.84 18.72 -48.50
N LEU C 18 -4.26 18.98 -49.67
CA LEU C 18 -2.85 18.72 -49.93
C LEU C 18 -2.03 20.00 -49.79
N HIS C 19 -0.82 19.86 -49.26
CA HIS C 19 0.09 20.98 -49.01
C HIS C 19 1.43 20.69 -49.66
N THR C 20 1.81 21.49 -50.64
CA THR C 20 3.07 21.29 -51.35
C THR C 20 4.24 21.50 -50.40
N GLN C 21 5.15 20.52 -50.38
CA GLN C 21 6.36 20.58 -49.58
C GLN C 21 7.56 20.20 -50.43
N VAL C 22 8.67 20.91 -50.25
CA VAL C 22 9.93 20.59 -50.90
C VAL C 22 10.86 20.00 -49.84
N VAL C 23 11.33 18.77 -50.08
CA VAL C 23 12.07 18.00 -49.09
C VAL C 23 13.50 17.84 -49.55
N ASP C 24 14.40 17.69 -48.57
CA ASP C 24 15.81 17.43 -48.83
C ASP C 24 16.05 15.93 -48.87
N MET C 25 16.62 15.44 -49.97
CA MET C 25 16.80 14.01 -50.14
C MET C 25 17.91 13.43 -49.27
N SER C 26 18.62 14.25 -48.51
CA SER C 26 19.67 13.76 -47.63
C SER C 26 19.20 13.51 -46.21
N MET C 27 18.11 14.16 -45.78
CA MET C 27 17.54 13.94 -44.46
C MET C 27 16.35 12.99 -44.55
N THR C 28 16.01 12.39 -43.41
CA THR C 28 14.86 11.51 -43.36
C THR C 28 13.56 12.33 -43.28
N TYR C 29 12.44 11.63 -43.51
CA TYR C 29 11.13 12.28 -43.41
C TYR C 29 10.86 12.73 -41.98
N GLY C 30 11.34 11.98 -40.99
CA GLY C 30 11.15 12.38 -39.60
C GLY C 30 11.87 13.66 -39.25
N GLN C 31 13.05 13.88 -39.83
CA GLN C 31 13.80 15.09 -39.57
C GLN C 31 13.18 16.31 -40.22
N GLN C 32 12.22 16.14 -41.12
CA GLN C 32 11.62 17.26 -41.83
C GLN C 32 10.14 17.42 -41.54
N PHE C 33 9.41 16.32 -41.38
CA PHE C 33 7.97 16.36 -41.13
C PHE C 33 7.58 15.83 -39.75
N GLY C 34 8.44 15.06 -39.11
CA GLY C 34 8.08 14.30 -37.94
C GLY C 34 7.62 12.92 -38.37
N PRO C 35 6.82 12.27 -37.53
CA PRO C 35 6.29 10.95 -37.92
C PRO C 35 5.47 11.04 -39.20
N THR C 36 5.91 10.31 -40.22
CA THR C 36 5.33 10.39 -41.55
C THR C 36 4.93 9.00 -42.04
N TYR C 37 3.76 8.92 -42.66
CA TYR C 37 3.23 7.67 -43.19
C TYR C 37 2.92 7.84 -44.67
N LEU C 38 3.29 6.85 -45.47
CA LEU C 38 3.02 6.82 -46.91
C LEU C 38 2.21 5.57 -47.21
N ASP C 39 0.90 5.76 -47.43
CA ASP C 39 -0.01 4.65 -47.73
C ASP C 39 -0.01 3.62 -46.60
N GLY C 40 -0.10 4.13 -45.37
CA GLY C 40 -0.15 3.28 -44.19
C GLY C 40 1.18 2.84 -43.64
N ALA C 41 2.24 2.83 -44.46
CA ALA C 41 3.55 2.38 -44.03
C ALA C 41 4.31 3.51 -43.36
N ASP C 42 4.95 3.20 -42.24
CA ASP C 42 5.74 4.18 -41.51
C ASP C 42 7.03 4.48 -42.27
N VAL C 43 7.17 5.72 -42.72
CA VAL C 43 8.34 6.15 -43.47
C VAL C 43 9.13 7.23 -42.73
N THR C 44 8.97 7.28 -41.40
CA THR C 44 9.62 8.33 -40.62
C THR C 44 11.14 8.22 -40.70
N LYS C 45 11.66 7.01 -40.58
CA LYS C 45 13.10 6.78 -40.50
C LYS C 45 13.75 6.49 -41.85
N ILE C 46 13.13 6.91 -42.96
CA ILE C 46 13.70 6.71 -44.29
C ILE C 46 13.82 8.05 -44.99
N LYS C 47 14.63 8.07 -46.06
CA LYS C 47 14.92 9.25 -46.85
C LYS C 47 14.06 9.28 -48.11
N PRO C 48 13.82 10.48 -48.66
CA PRO C 48 13.00 10.58 -49.88
C PRO C 48 13.68 9.91 -51.07
N HIS C 49 12.89 9.20 -51.84
CA HIS C 49 13.34 8.55 -53.07
C HIS C 49 12.89 9.34 -54.28
N ASN C 50 13.52 9.04 -55.42
CA ASN C 50 13.16 9.73 -56.67
C ASN C 50 11.71 9.45 -57.07
N SER C 51 11.18 8.31 -56.64
CA SER C 51 9.81 7.91 -56.97
C SER C 51 8.75 8.58 -56.10
N HIS C 52 9.14 9.32 -55.07
CA HIS C 52 8.17 9.99 -54.20
C HIS C 52 7.76 11.35 -54.72
N GLU C 53 8.37 11.82 -55.81
CA GLU C 53 8.03 13.10 -56.42
C GLU C 53 6.53 13.21 -56.68
N GLY C 54 5.86 14.08 -55.94
CA GLY C 54 4.45 14.33 -56.15
C GLY C 54 3.50 13.43 -55.39
N LYS C 55 4.00 12.47 -54.62
CA LYS C 55 3.11 11.60 -53.87
C LYS C 55 2.62 12.30 -52.60
N THR C 56 1.60 11.72 -51.99
CA THR C 56 0.91 12.29 -50.84
C THR C 56 1.27 11.53 -49.58
N PHE C 57 1.73 12.25 -48.57
CA PHE C 57 2.17 11.67 -47.30
C PHE C 57 1.25 12.13 -46.18
N TYR C 58 0.93 11.22 -45.27
CA TYR C 58 0.23 11.58 -44.04
C TYR C 58 1.24 12.06 -42.99
N VAL C 59 0.84 13.07 -42.23
CA VAL C 59 1.67 13.62 -41.17
C VAL C 59 0.80 13.94 -39.95
N LEU C 60 1.44 14.07 -38.81
CA LEU C 60 0.77 14.49 -37.59
C LEU C 60 0.65 16.01 -37.56
N PRO C 61 -0.41 16.55 -36.96
CA PRO C 61 -0.60 18.00 -36.98
C PRO C 61 0.42 18.77 -36.14
N ASN C 62 1.57 19.09 -36.72
CA ASN C 62 2.57 19.96 -36.11
C ASN C 62 2.48 21.38 -36.66
N ASP C 63 1.27 21.87 -36.90
CA ASP C 63 1.07 23.16 -37.54
C ASP C 63 -0.33 23.64 -37.22
N ASP C 64 -0.54 24.95 -37.35
CA ASP C 64 -1.87 25.51 -37.09
C ASP C 64 -2.88 25.12 -38.16
N THR C 65 -2.47 25.09 -39.43
CA THR C 65 -3.41 24.71 -40.48
C THR C 65 -3.74 23.22 -40.40
N LEU C 66 -2.75 22.39 -40.09
CA LEU C 66 -2.99 20.95 -40.00
C LEU C 66 -3.89 20.60 -38.83
N ARG C 67 -3.73 21.30 -37.69
CA ARG C 67 -4.59 21.06 -36.54
C ARG C 67 -6.04 21.38 -36.87
N VAL C 68 -6.27 22.47 -37.59
CA VAL C 68 -7.63 22.83 -37.98
C VAL C 68 -8.19 21.80 -38.94
N GLU C 69 -7.41 21.42 -39.95
CA GLU C 69 -7.86 20.44 -40.91
C GLU C 69 -8.06 19.08 -40.25
N ALA C 70 -7.19 18.73 -39.29
CA ALA C 70 -7.35 17.46 -38.60
C ALA C 70 -8.62 17.44 -37.76
N PHE C 71 -8.97 18.57 -37.14
CA PHE C 71 -10.18 18.62 -36.34
C PHE C 71 -11.42 18.56 -37.22
N GLU C 72 -11.39 19.22 -38.37
CA GLU C 72 -12.55 19.24 -39.26
C GLU C 72 -12.84 17.86 -39.85
N TYR C 73 -11.85 16.97 -39.90
CA TYR C 73 -12.02 15.65 -40.48
C TYR C 73 -12.29 14.57 -39.44
N TYR C 74 -11.61 14.61 -38.29
CA TYR C 74 -11.74 13.59 -37.26
C TYR C 74 -12.61 14.03 -36.08
N HIS C 75 -12.95 15.31 -35.97
CA HIS C 75 -13.75 15.84 -34.85
C HIS C 75 -13.08 15.59 -33.50
N THR C 76 -11.75 15.77 -33.45
CA THR C 76 -11.01 15.63 -32.21
C THR C 76 -9.75 16.49 -32.30
N THR C 77 -9.28 16.96 -31.14
CA THR C 77 -8.06 17.75 -31.06
C THR C 77 -6.94 17.02 -30.35
N ASP C 78 -7.13 15.74 -30.03
CA ASP C 78 -6.08 14.93 -29.44
C ASP C 78 -4.89 14.87 -30.39
N PRO C 79 -3.72 15.37 -29.99
CA PRO C 79 -2.57 15.31 -30.90
C PRO C 79 -2.12 13.88 -31.21
N SER C 80 -2.29 12.96 -30.27
CA SER C 80 -1.91 11.56 -30.42
C SER C 80 -2.92 10.74 -31.21
N PHE C 81 -3.96 11.38 -31.78
CA PHE C 81 -5.04 10.62 -32.40
C PHE C 81 -4.56 9.89 -33.65
N LEU C 82 -3.98 10.62 -34.61
CA LEU C 82 -3.52 9.96 -35.84
C LEU C 82 -2.48 8.89 -35.54
N GLY C 83 -1.60 9.16 -34.57
CA GLY C 83 -0.62 8.15 -34.20
C GLY C 83 -1.25 6.85 -33.73
N ARG C 84 -2.28 6.96 -32.88
CA ARG C 84 -2.96 5.77 -32.40
C ARG C 84 -3.81 5.13 -33.49
N TYR C 85 -4.33 5.94 -34.43
CA TYR C 85 -5.13 5.39 -35.52
C TYR C 85 -4.27 4.61 -36.52
N MET C 86 -3.07 5.10 -36.80
CA MET C 86 -2.16 4.39 -37.71
C MET C 86 -1.64 3.11 -37.08
N SER C 87 -1.39 3.13 -35.77
CA SER C 87 -0.97 1.91 -35.08
C SER C 87 -2.05 0.85 -35.11
N ALA C 88 -3.30 1.26 -34.86
CA ALA C 88 -4.41 0.31 -34.93
C ALA C 88 -4.58 -0.22 -36.34
N LEU C 89 -4.46 0.67 -37.35
CA LEU C 89 -4.63 0.25 -38.73
C LEU C 89 -3.58 -0.77 -39.13
N ASN C 90 -2.42 -0.76 -38.47
CA ASN C 90 -1.37 -1.73 -38.77
C ASN C 90 -1.81 -3.15 -38.43
N HIS C 91 -2.71 -3.32 -37.46
CA HIS C 91 -3.24 -4.63 -37.11
C HIS C 91 -4.57 -4.94 -37.79
N THR C 92 -5.48 -3.96 -37.84
CA THR C 92 -6.81 -4.22 -38.39
C THR C 92 -6.74 -4.55 -39.88
N LYS C 93 -5.75 -4.03 -40.59
CA LYS C 93 -5.60 -4.37 -42.01
C LYS C 93 -5.19 -5.81 -42.21
N LYS C 94 -4.72 -6.47 -41.15
CA LYS C 94 -4.35 -7.88 -41.20
C LYS C 94 -5.48 -8.80 -40.75
N TRP C 95 -6.61 -8.25 -40.33
CA TRP C 95 -7.76 -9.03 -39.89
C TRP C 95 -8.58 -9.53 -41.08
N LYS C 96 -9.48 -10.46 -40.80
CA LYS C 96 -10.42 -10.99 -41.78
C LYS C 96 -11.82 -10.50 -41.46
N TYR C 97 -12.56 -10.06 -42.49
CA TYR C 97 -13.89 -9.49 -42.33
C TYR C 97 -14.86 -10.29 -43.18
N PRO C 98 -15.29 -11.46 -42.69
CA PRO C 98 -16.20 -12.30 -43.47
C PRO C 98 -17.61 -11.73 -43.49
N GLN C 99 -18.29 -11.96 -44.61
CA GLN C 99 -19.69 -11.59 -44.75
C GLN C 99 -20.55 -12.69 -44.14
N VAL C 100 -20.93 -12.52 -42.88
CA VAL C 100 -21.73 -13.50 -42.16
C VAL C 100 -23.18 -13.04 -42.20
N ASN C 101 -24.00 -13.70 -43.02
CA ASN C 101 -25.43 -13.45 -43.10
C ASN C 101 -25.72 -11.99 -43.47
N GLY C 102 -25.14 -11.54 -44.58
CA GLY C 102 -25.35 -10.19 -45.06
C GLY C 102 -24.69 -9.09 -44.27
N LEU C 103 -24.13 -9.39 -43.10
CA LEU C 103 -23.44 -8.40 -42.28
C LEU C 103 -21.94 -8.63 -42.35
N THR C 104 -21.18 -7.59 -41.98
CA THR C 104 -19.74 -7.66 -41.98
C THR C 104 -19.29 -7.90 -40.54
N SER C 105 -18.74 -9.08 -40.29
CA SER C 105 -18.22 -9.42 -38.98
C SER C 105 -16.70 -9.36 -39.02
N ILE C 106 -16.05 -9.82 -37.96
CA ILE C 106 -14.60 -9.83 -37.86
C ILE C 106 -14.15 -11.19 -37.34
N LYS C 107 -13.22 -11.82 -38.07
CA LYS C 107 -12.63 -13.05 -37.55
C LYS C 107 -11.90 -12.73 -36.25
N TRP C 108 -12.21 -13.51 -35.21
CA TRP C 108 -11.74 -13.22 -33.88
C TRP C 108 -10.21 -13.21 -33.83
N ALA C 109 -9.64 -12.13 -33.30
CA ALA C 109 -8.20 -11.95 -33.19
C ALA C 109 -7.91 -10.73 -32.32
N ASP C 110 -6.97 -10.88 -31.40
CA ASP C 110 -6.52 -9.77 -30.55
C ASP C 110 -7.66 -9.22 -29.69
N ASN C 111 -8.50 -10.12 -29.17
CA ASN C 111 -9.61 -9.74 -28.30
C ASN C 111 -10.55 -8.73 -28.96
N ASN C 112 -10.79 -8.90 -30.25
CA ASN C 112 -11.64 -7.97 -30.98
C ASN C 112 -13.12 -8.32 -30.92
N CYS C 113 -13.52 -9.25 -30.04
CA CYS C 113 -14.91 -9.70 -30.02
C CYS C 113 -15.86 -8.55 -29.72
N TYR C 114 -15.48 -7.65 -28.81
CA TYR C 114 -16.34 -6.51 -28.51
C TYR C 114 -16.43 -5.56 -29.69
N LEU C 115 -15.35 -5.43 -30.47
CA LEU C 115 -15.40 -4.64 -31.69
C LEU C 115 -16.32 -5.27 -32.72
N ALA C 116 -16.22 -6.60 -32.91
CA ALA C 116 -17.08 -7.29 -33.86
C ALA C 116 -18.55 -7.15 -33.49
N THR C 117 -18.88 -7.33 -32.20
CA THR C 117 -20.27 -7.19 -31.77
C THR C 117 -20.77 -5.77 -32.05
N ALA C 118 -19.95 -4.77 -31.73
CA ALA C 118 -20.36 -3.39 -32.00
C ALA C 118 -20.49 -3.13 -33.50
N LEU C 119 -19.55 -3.67 -34.29
CA LEU C 119 -19.60 -3.47 -35.74
C LEU C 119 -20.86 -4.10 -36.32
N LEU C 120 -21.26 -5.26 -35.80
CA LEU C 120 -22.50 -5.89 -36.25
C LEU C 120 -23.72 -5.09 -35.80
N THR C 121 -23.67 -4.51 -34.59
CA THR C 121 -24.79 -3.71 -34.12
C THR C 121 -24.95 -2.42 -34.93
N LEU C 122 -23.83 -1.79 -35.30
CA LEU C 122 -23.91 -0.52 -36.02
C LEU C 122 -24.55 -0.68 -37.39
N GLN C 123 -24.45 -1.87 -37.98
CA GLN C 123 -25.03 -2.13 -39.29
C GLN C 123 -26.53 -2.41 -39.23
N GLN C 124 -27.13 -2.42 -38.05
CA GLN C 124 -28.54 -2.75 -37.92
C GLN C 124 -29.36 -1.64 -37.29
N ILE C 125 -28.75 -0.52 -36.94
CA ILE C 125 -29.48 0.62 -36.40
C ILE C 125 -29.21 1.82 -37.30
N GLU C 126 -30.23 2.66 -37.45
CA GLU C 126 -30.11 3.87 -38.26
C GLU C 126 -29.25 4.88 -37.52
N LEU C 127 -28.10 5.24 -38.11
CA LEU C 127 -27.11 6.07 -37.43
C LEU C 127 -26.27 6.78 -38.47
N LYS C 128 -26.09 8.09 -38.30
CA LYS C 128 -25.26 8.90 -39.18
C LYS C 128 -24.17 9.55 -38.35
N PHE C 129 -22.91 9.39 -38.77
CA PHE C 129 -21.78 9.93 -38.03
C PHE C 129 -21.44 11.33 -38.49
N ASN C 130 -21.07 12.18 -37.54
CA ASN C 130 -20.69 13.56 -37.80
C ASN C 130 -19.28 13.69 -38.38
N PRO C 131 -18.25 13.05 -37.81
CA PRO C 131 -16.91 13.17 -38.38
C PRO C 131 -16.87 12.62 -39.80
N PRO C 132 -16.36 13.40 -40.74
CA PRO C 132 -16.25 12.88 -42.11
C PRO C 132 -15.38 11.64 -42.20
N ALA C 133 -14.33 11.54 -41.38
CA ALA C 133 -13.48 10.36 -41.38
C ALA C 133 -14.28 9.12 -41.00
N LEU C 134 -15.18 9.23 -40.02
CA LEU C 134 -15.99 8.09 -39.63
C LEU C 134 -16.99 7.70 -40.71
N GLN C 135 -17.67 8.69 -41.29
CA GLN C 135 -18.66 8.39 -42.30
C GLN C 135 -18.02 7.78 -43.54
N ASP C 136 -16.81 8.22 -43.89
CA ASP C 136 -16.10 7.62 -45.02
C ASP C 136 -15.73 6.18 -44.72
N ALA C 137 -15.21 5.92 -43.52
CA ALA C 137 -14.87 4.56 -43.13
C ALA C 137 -16.11 3.72 -42.87
N TYR C 138 -17.22 4.35 -42.46
CA TYR C 138 -18.46 3.63 -42.22
C TYR C 138 -19.01 3.04 -43.52
N TYR C 139 -18.96 3.81 -44.61
CA TYR C 139 -19.45 3.31 -45.88
C TYR C 139 -18.59 2.17 -46.40
N ARG C 140 -17.27 2.31 -46.33
CA ARG C 140 -16.41 1.22 -46.79
C ARG C 140 -16.49 0.00 -45.88
N ALA C 141 -16.92 0.18 -44.63
CA ALA C 141 -17.06 -0.98 -43.73
C ALA C 141 -18.24 -1.86 -44.15
N ARG C 142 -19.37 -1.26 -44.51
CA ARG C 142 -20.50 -2.05 -44.99
C ARG C 142 -20.20 -2.71 -46.34
N ALA C 143 -19.31 -2.12 -47.13
CA ALA C 143 -18.90 -2.74 -48.38
C ALA C 143 -18.08 -4.00 -48.11
N GLY C 144 -17.09 -3.90 -47.23
CA GLY C 144 -16.26 -5.04 -46.86
C GLY C 144 -14.91 -4.61 -46.31
N GLU C 145 -14.43 -3.45 -46.73
CA GLU C 145 -13.17 -2.88 -46.24
C GLU C 145 -13.42 -2.20 -44.90
N ALA C 146 -13.60 -3.02 -43.88
CA ALA C 146 -13.87 -2.56 -42.53
C ALA C 146 -12.61 -2.36 -41.70
N ALA C 147 -11.44 -2.69 -42.24
CA ALA C 147 -10.20 -2.52 -41.48
C ALA C 147 -9.97 -1.07 -41.10
N ASN C 148 -10.26 -0.15 -42.02
CA ASN C 148 -10.07 1.26 -41.76
C ASN C 148 -11.05 1.75 -40.70
N PHE C 149 -12.28 1.21 -40.70
CA PHE C 149 -13.29 1.67 -39.76
C PHE C 149 -13.00 1.18 -38.35
N CYS C 150 -12.55 -0.07 -38.22
CA CYS C 150 -12.28 -0.61 -36.89
C CYS C 150 -11.10 0.11 -36.23
N ALA C 151 -10.13 0.56 -37.02
CA ALA C 151 -9.03 1.31 -36.45
C ALA C 151 -9.50 2.63 -35.88
N LEU C 152 -10.42 3.30 -36.58
CA LEU C 152 -10.96 4.57 -36.07
C LEU C 152 -11.70 4.37 -34.75
N ILE C 153 -12.50 3.30 -34.66
CA ILE C 153 -13.23 3.03 -33.42
C ILE C 153 -12.25 2.89 -32.25
N LEU C 154 -11.20 2.10 -32.44
CA LEU C 154 -10.19 1.94 -31.40
C LEU C 154 -9.56 3.27 -31.03
N ALA C 155 -9.33 4.12 -32.02
CA ALA C 155 -8.69 5.41 -31.76
C ALA C 155 -9.61 6.33 -30.96
N TYR C 156 -10.91 6.34 -31.30
CA TYR C 156 -11.84 7.21 -30.59
C TYR C 156 -12.01 6.77 -29.15
N CYS C 157 -12.02 5.47 -28.91
CA CYS C 157 -12.20 4.94 -27.57
C CYS C 157 -10.91 4.93 -26.76
N ASN C 158 -9.79 5.34 -27.35
CA ASN C 158 -8.49 5.25 -26.72
C ASN C 158 -8.23 3.83 -26.23
N LYS C 159 -8.29 2.90 -27.18
CA LYS C 159 -8.09 1.48 -26.89
C LYS C 159 -7.10 0.92 -27.91
N THR C 160 -6.00 0.36 -27.41
CA THR C 160 -5.02 -0.25 -28.28
C THR C 160 -5.44 -1.68 -28.62
N VAL C 161 -4.96 -2.17 -29.78
CA VAL C 161 -5.29 -3.52 -30.21
C VAL C 161 -4.82 -4.52 -29.17
N GLY C 162 -5.63 -5.54 -28.94
CA GLY C 162 -5.31 -6.57 -27.97
C GLY C 162 -5.94 -6.38 -26.61
N GLU C 163 -6.49 -5.20 -26.32
CA GLU C 163 -7.09 -4.93 -25.03
C GLU C 163 -8.56 -5.33 -25.01
N LEU C 164 -8.99 -5.83 -23.85
CA LEU C 164 -10.40 -6.15 -23.62
C LEU C 164 -11.23 -4.86 -23.61
N GLY C 165 -12.50 -4.98 -24.01
CA GLY C 165 -13.35 -3.83 -24.18
C GLY C 165 -14.77 -4.09 -23.69
N ASP C 166 -15.58 -3.03 -23.74
CA ASP C 166 -16.97 -3.06 -23.35
C ASP C 166 -17.81 -2.59 -24.53
N VAL C 167 -18.84 -3.36 -24.87
CA VAL C 167 -19.67 -3.01 -26.02
C VAL C 167 -20.51 -1.78 -25.71
N ARG C 168 -21.10 -1.71 -24.51
CA ARG C 168 -21.90 -0.54 -24.16
C ARG C 168 -21.06 0.73 -24.12
N GLU C 169 -19.84 0.64 -23.58
CA GLU C 169 -18.97 1.80 -23.55
C GLU C 169 -18.54 2.21 -24.95
N THR C 170 -18.29 1.23 -25.82
CA THR C 170 -17.89 1.54 -27.19
C THR C 170 -19.01 2.23 -27.94
N MET C 171 -20.24 1.75 -27.78
CA MET C 171 -21.38 2.35 -28.47
C MET C 171 -21.59 3.79 -28.01
N SER C 172 -21.55 4.03 -26.71
CA SER C 172 -21.82 5.37 -26.21
C SER C 172 -20.74 6.36 -26.65
N TYR C 173 -19.49 5.92 -26.79
CA TYR C 173 -18.46 6.80 -27.34
C TYR C 173 -18.79 7.17 -28.78
N LEU C 174 -19.18 6.18 -29.58
CA LEU C 174 -19.48 6.45 -30.99
C LEU C 174 -20.77 7.25 -31.16
N PHE C 175 -21.75 7.07 -30.26
CA PHE C 175 -22.98 7.85 -30.32
C PHE C 175 -22.70 9.33 -30.11
N GLN C 176 -21.62 9.65 -29.39
CA GLN C 176 -21.26 11.05 -29.21
C GLN C 176 -20.91 11.70 -30.54
N HIS C 177 -20.38 10.92 -31.47
CA HIS C 177 -20.05 11.41 -32.80
C HIS C 177 -21.15 11.16 -33.82
N ALA C 178 -22.35 10.79 -33.37
CA ALA C 178 -23.47 10.54 -34.25
C ALA C 178 -24.46 11.70 -34.19
N ASN C 179 -25.25 11.84 -35.25
CA ASN C 179 -26.26 12.91 -35.33
C ASN C 179 -27.53 12.43 -34.63
N LEU C 180 -27.52 12.52 -33.30
CA LEU C 180 -28.65 12.12 -32.48
C LEU C 180 -29.28 13.28 -31.74
N ASP C 181 -28.95 14.53 -32.10
CA ASP C 181 -29.51 15.68 -31.40
C ASP C 181 -31.01 15.81 -31.59
N SER C 182 -31.57 15.21 -32.65
CA SER C 182 -33.01 15.25 -32.87
C SER C 182 -33.76 14.18 -32.09
N CYS C 183 -33.06 13.36 -31.29
CA CYS C 183 -33.72 12.34 -30.48
C CYS C 183 -34.23 12.94 -29.18
N LYS C 184 -35.39 12.46 -28.74
CA LYS C 184 -36.07 13.02 -27.58
C LYS C 184 -36.66 11.90 -26.74
N ARG C 185 -36.50 12.01 -25.42
CA ARG C 185 -37.08 11.05 -24.48
C ARG C 185 -37.73 11.81 -23.34
N VAL C 186 -38.94 11.40 -22.96
CA VAL C 186 -39.68 12.00 -21.86
C VAL C 186 -39.92 10.92 -20.81
N LEU C 187 -39.35 11.12 -19.63
CA LEU C 187 -39.50 10.20 -18.51
C LEU C 187 -40.38 10.83 -17.44
N ASN C 188 -41.01 9.96 -16.65
CA ASN C 188 -41.84 10.42 -15.55
C ASN C 188 -41.69 9.45 -14.39
N VAL C 189 -41.36 9.98 -13.22
CA VAL C 189 -41.27 9.20 -11.99
C VAL C 189 -42.38 9.64 -11.05
N VAL C 190 -43.12 8.67 -10.52
CA VAL C 190 -44.27 8.93 -9.65
C VAL C 190 -44.03 8.20 -8.34
N CYS C 191 -44.24 8.89 -7.23
CA CYS C 191 -44.18 8.32 -5.89
C CYS C 191 -45.57 8.27 -5.26
N LYS C 192 -45.71 7.38 -4.28
CA LYS C 192 -47.01 7.11 -3.69
C LYS C 192 -47.57 8.32 -2.95
N THR C 193 -46.69 9.13 -2.36
CA THR C 193 -47.09 10.35 -1.65
C THR C 193 -46.40 11.61 -2.15
N CYS C 194 -45.15 11.52 -2.60
CA CYS C 194 -44.42 12.72 -3.02
C CYS C 194 -45.07 13.38 -4.23
N GLY C 195 -45.62 12.59 -5.15
CA GLY C 195 -46.23 13.13 -6.35
C GLY C 195 -45.51 12.68 -7.61
N GLN C 196 -45.44 13.59 -8.58
CA GLN C 196 -44.93 13.31 -9.91
C GLN C 196 -43.75 14.23 -10.24
N GLN C 197 -42.83 13.70 -11.04
CA GLN C 197 -41.68 14.46 -11.52
C GLN C 197 -41.32 13.97 -12.91
N GLN C 198 -41.24 14.89 -13.86
CA GLN C 198 -40.95 14.57 -15.25
C GLN C 198 -39.67 15.27 -15.69
N THR C 199 -38.86 14.57 -16.49
CA THR C 199 -37.66 15.14 -17.07
C THR C 199 -37.67 14.89 -18.58
N THR C 200 -36.90 15.71 -19.29
CA THR C 200 -36.81 15.61 -20.74
C THR C 200 -35.34 15.48 -21.13
N LEU C 201 -35.05 14.49 -21.98
CA LEU C 201 -33.69 14.21 -22.43
C LEU C 201 -33.61 14.27 -23.96
N LYS C 202 -32.53 14.86 -24.46
CA LYS C 202 -32.24 14.93 -25.89
C LYS C 202 -30.81 14.49 -26.15
N GLY C 203 -30.57 14.05 -27.39
CA GLY C 203 -29.26 13.62 -27.81
C GLY C 203 -28.94 12.19 -27.46
N VAL C 204 -27.69 11.92 -27.12
CA VAL C 204 -27.27 10.54 -26.85
C VAL C 204 -28.03 9.97 -25.67
N GLU C 205 -28.28 10.81 -24.66
CA GLU C 205 -28.94 10.35 -23.44
C GLU C 205 -30.35 9.84 -23.69
N ALA C 206 -30.95 10.18 -24.83
CA ALA C 206 -32.32 9.78 -25.12
C ALA C 206 -32.46 8.36 -25.64
N VAL C 207 -31.36 7.70 -26.01
CA VAL C 207 -31.43 6.40 -26.66
C VAL C 207 -30.77 5.30 -25.83
N MET C 208 -30.28 5.61 -24.64
CA MET C 208 -29.64 4.61 -23.79
C MET C 208 -30.29 4.60 -22.42
N TYR C 209 -30.48 3.41 -21.87
CA TYR C 209 -30.91 3.28 -20.48
C TYR C 209 -30.15 2.14 -19.83
N MET C 210 -29.75 2.36 -18.58
CA MET C 210 -28.98 1.38 -17.80
C MET C 210 -29.81 0.98 -16.60
N GLY C 211 -30.40 -0.22 -16.65
CA GLY C 211 -31.21 -0.71 -15.56
C GLY C 211 -32.02 -1.96 -15.88
N THR C 212 -32.52 -2.07 -17.11
CA THR C 212 -33.26 -3.25 -17.51
C THR C 212 -33.02 -3.50 -18.99
N LEU C 213 -33.11 -4.77 -19.37
CA LEU C 213 -33.01 -5.13 -20.77
C LEU C 213 -34.34 -5.05 -21.50
N SER C 214 -35.45 -5.21 -20.78
CA SER C 214 -36.77 -5.32 -21.40
C SER C 214 -37.26 -3.91 -21.74
N TYR C 215 -37.49 -3.65 -23.03
CA TYR C 215 -38.08 -2.39 -23.42
C TYR C 215 -39.51 -2.27 -22.91
N GLU C 216 -40.25 -3.40 -22.87
CA GLU C 216 -41.62 -3.37 -22.37
C GLU C 216 -41.65 -2.96 -20.91
N GLN C 217 -40.77 -3.55 -20.09
CA GLN C 217 -40.71 -3.17 -18.69
C GLN C 217 -40.38 -1.71 -18.50
N PHE C 218 -39.64 -1.12 -19.44
CA PHE C 218 -39.35 0.31 -19.36
C PHE C 218 -40.61 1.15 -19.55
N LYS C 219 -41.58 0.64 -20.31
CA LYS C 219 -42.83 1.36 -20.52
C LYS C 219 -43.82 1.11 -19.39
N LYS C 220 -43.87 -0.13 -18.86
CA LYS C 220 -44.77 -0.41 -17.76
C LYS C 220 -44.30 0.22 -16.46
N GLY C 221 -42.98 0.34 -16.28
CA GLY C 221 -42.45 0.97 -15.08
C GLY C 221 -41.34 0.16 -14.42
N VAL C 222 -40.29 0.85 -13.98
CA VAL C 222 -39.18 0.24 -13.27
C VAL C 222 -39.08 0.87 -11.90
N GLN C 223 -38.76 0.05 -10.89
CA GLN C 223 -38.68 0.53 -9.52
C GLN C 223 -37.39 1.30 -9.28
N ILE C 224 -37.52 2.51 -8.75
CA ILE C 224 -36.38 3.39 -8.49
C ILE C 224 -36.64 4.07 -7.14
N PRO C 225 -35.65 4.14 -6.25
CA PRO C 225 -35.87 4.78 -4.96
C PRO C 225 -36.18 6.28 -5.09
N CYS C 226 -37.00 6.75 -4.17
CA CYS C 226 -37.38 8.16 -4.10
C CYS C 226 -36.61 8.87 -2.99
N THR C 227 -36.59 10.21 -3.08
CA THR C 227 -35.93 11.04 -2.09
C THR C 227 -36.62 11.02 -0.73
N CYS C 228 -37.86 10.53 -0.65
CA CYS C 228 -38.55 10.39 0.63
C CYS C 228 -38.22 9.10 1.34
N GLY C 229 -37.74 8.09 0.62
CA GLY C 229 -37.39 6.83 1.23
C GLY C 229 -37.96 5.64 0.50
N LYS C 230 -39.29 5.60 0.36
CA LYS C 230 -39.93 4.43 -0.23
C LYS C 230 -39.76 4.44 -1.76
N GLN C 231 -40.19 3.35 -2.38
CA GLN C 231 -39.92 3.10 -3.79
C GLN C 231 -40.97 3.75 -4.69
N ALA C 232 -40.49 4.52 -5.66
CA ALA C 232 -41.32 5.13 -6.69
C ALA C 232 -41.23 4.31 -7.97
N THR C 233 -41.97 4.73 -8.99
CA THR C 233 -42.01 4.04 -10.26
C THR C 233 -41.67 5.03 -11.37
N LYS C 234 -40.65 4.71 -12.16
CA LYS C 234 -40.25 5.53 -13.31
C LYS C 234 -40.62 4.78 -14.59
N TYR C 235 -41.31 5.46 -15.49
CA TYR C 235 -41.74 4.86 -16.75
C TYR C 235 -41.48 5.83 -17.89
N LEU C 236 -41.46 5.29 -19.10
CA LEU C 236 -41.26 6.07 -20.32
C LEU C 236 -42.57 6.67 -20.80
N VAL C 237 -42.61 8.00 -20.92
CA VAL C 237 -43.80 8.70 -21.41
C VAL C 237 -43.77 8.80 -22.92
N GLN C 238 -42.71 9.42 -23.46
CA GLN C 238 -42.59 9.62 -24.89
C GLN C 238 -41.17 9.33 -25.35
N GLN C 239 -41.04 8.70 -26.52
CA GLN C 239 -39.75 8.35 -27.09
C GLN C 239 -39.77 8.58 -28.60
N GLU C 240 -38.80 9.37 -29.08
CA GLU C 240 -38.66 9.67 -30.51
C GLU C 240 -37.20 9.50 -30.89
N SER C 241 -36.89 8.39 -31.57
CA SER C 241 -35.53 8.06 -31.99
C SER C 241 -35.63 6.86 -32.93
N PRO C 242 -34.62 6.67 -33.80
CA PRO C 242 -34.64 5.49 -34.67
C PRO C 242 -34.43 4.17 -33.94
N PHE C 243 -33.93 4.20 -32.71
CA PHE C 243 -33.67 2.99 -31.94
C PHE C 243 -33.56 3.38 -30.47
N VAL C 244 -33.51 2.36 -29.62
CA VAL C 244 -33.18 2.52 -28.20
C VAL C 244 -32.25 1.38 -27.80
N MET C 245 -31.42 1.66 -26.79
CA MET C 245 -30.44 0.70 -26.30
C MET C 245 -30.68 0.46 -24.82
N MET C 246 -31.02 -0.78 -24.47
CA MET C 246 -31.25 -1.18 -23.08
C MET C 246 -30.07 -2.03 -22.61
N SER C 247 -29.47 -1.64 -21.48
CA SER C 247 -28.29 -2.33 -20.96
C SER C 247 -28.47 -2.69 -19.50
N ALA C 248 -27.80 -3.76 -19.10
CA ALA C 248 -27.85 -4.26 -17.73
C ALA C 248 -26.69 -5.23 -17.53
N PRO C 249 -26.27 -5.45 -16.29
CA PRO C 249 -25.19 -6.40 -16.04
C PRO C 249 -25.57 -7.77 -16.57
N PRO C 250 -24.58 -8.54 -17.03
CA PRO C 250 -24.89 -9.84 -17.66
C PRO C 250 -25.70 -10.75 -16.76
N ALA C 251 -26.90 -11.09 -17.21
CA ALA C 251 -27.79 -12.00 -16.52
C ALA C 251 -28.46 -12.91 -17.55
N GLN C 252 -28.86 -14.09 -17.11
CA GLN C 252 -29.55 -15.03 -17.99
C GLN C 252 -30.87 -14.40 -18.44
N TYR C 253 -31.08 -14.36 -19.76
CA TYR C 253 -32.22 -13.67 -20.32
C TYR C 253 -32.65 -14.37 -21.60
N GLU C 254 -33.95 -14.50 -21.81
CA GLU C 254 -34.50 -15.17 -22.98
C GLU C 254 -34.94 -14.14 -24.01
N LEU C 255 -34.50 -14.32 -25.25
CA LEU C 255 -34.79 -13.42 -26.36
C LEU C 255 -35.87 -14.03 -27.25
N LYS C 256 -37.04 -13.41 -27.30
CA LYS C 256 -38.12 -13.89 -28.15
C LYS C 256 -37.92 -13.36 -29.57
N HIS C 257 -38.04 -14.25 -30.55
CA HIS C 257 -37.82 -13.86 -31.93
C HIS C 257 -38.83 -12.80 -32.36
N GLY C 258 -38.36 -11.80 -33.10
CA GLY C 258 -39.22 -10.76 -33.60
C GLY C 258 -39.54 -9.65 -32.62
N THR C 259 -39.07 -9.74 -31.38
CA THR C 259 -39.37 -8.73 -30.35
C THR C 259 -38.19 -7.80 -30.06
N PHE C 260 -37.12 -7.88 -30.84
CA PHE C 260 -35.93 -7.05 -30.66
C PHE C 260 -35.16 -7.05 -31.96
N THR C 261 -34.22 -6.11 -32.09
CA THR C 261 -33.37 -6.07 -33.27
C THR C 261 -32.16 -6.98 -33.11
N CYS C 262 -31.30 -6.67 -32.13
CA CYS C 262 -30.13 -7.48 -31.85
C CYS C 262 -29.71 -7.24 -30.42
N ALA C 263 -28.83 -8.11 -29.92
CA ALA C 263 -28.42 -8.07 -28.53
C ALA C 263 -26.95 -8.48 -28.41
N SER C 264 -26.40 -8.25 -27.23
CA SER C 264 -25.00 -8.56 -26.92
C SER C 264 -24.96 -9.63 -25.83
N GLU C 265 -24.40 -10.79 -26.17
CA GLU C 265 -24.15 -11.84 -25.18
C GLU C 265 -22.75 -11.69 -24.60
N TYR C 266 -22.66 -11.88 -23.28
CA TYR C 266 -21.38 -11.81 -22.57
C TYR C 266 -21.27 -13.02 -21.66
N THR C 267 -20.23 -13.83 -21.86
CA THR C 267 -19.99 -15.01 -21.06
C THR C 267 -18.66 -14.87 -20.34
N GLY C 268 -18.64 -15.21 -19.05
CA GLY C 268 -17.45 -15.13 -18.24
C GLY C 268 -17.60 -14.19 -17.06
N ASN C 269 -16.49 -13.81 -16.45
CA ASN C 269 -16.49 -12.89 -15.31
C ASN C 269 -16.12 -11.48 -15.77
N TYR C 270 -16.14 -10.55 -14.80
CA TYR C 270 -15.77 -9.17 -15.07
C TYR C 270 -14.30 -9.01 -15.43
N GLN C 271 -13.44 -9.98 -15.09
CA GLN C 271 -12.03 -9.83 -15.39
C GLN C 271 -11.72 -10.24 -16.83
N CYS C 272 -12.42 -11.25 -17.35
CA CYS C 272 -12.23 -11.63 -18.74
C CYS C 272 -13.50 -12.32 -19.25
N GLY C 273 -14.02 -11.85 -20.40
CA GLY C 273 -15.26 -12.38 -20.94
C GLY C 273 -15.17 -12.55 -22.44
N HIS C 274 -16.29 -13.01 -23.01
CA HIS C 274 -16.40 -13.28 -24.45
C HIS C 274 -17.74 -12.74 -24.95
N TYR C 275 -17.68 -11.94 -26.00
CA TYR C 275 -18.87 -11.31 -26.57
C TYR C 275 -19.35 -12.07 -27.80
N LYS C 276 -20.66 -12.29 -27.87
CA LYS C 276 -21.33 -12.84 -29.05
C LYS C 276 -22.54 -11.99 -29.41
N HIS C 277 -22.83 -11.93 -30.69
CA HIS C 277 -23.88 -11.07 -31.23
C HIS C 277 -25.06 -11.93 -31.67
N ILE C 278 -26.22 -11.68 -31.06
CA ILE C 278 -27.47 -12.34 -31.42
C ILE C 278 -28.35 -11.34 -32.17
N THR C 279 -28.86 -11.77 -33.33
CA THR C 279 -29.73 -10.93 -34.15
C THR C 279 -30.99 -11.69 -34.50
N SER C 280 -32.08 -10.94 -34.70
CA SER C 280 -33.38 -11.50 -35.00
C SER C 280 -33.75 -11.15 -36.44
N LYS C 281 -33.87 -12.20 -37.28
CA LYS C 281 -34.28 -12.03 -38.66
C LYS C 281 -35.44 -12.99 -38.96
N GLU C 282 -35.25 -13.93 -39.89
CA GLU C 282 -36.28 -14.97 -40.06
C GLU C 282 -36.29 -15.93 -38.89
N THR C 283 -35.15 -16.12 -38.23
CA THR C 283 -35.06 -16.85 -36.98
C THR C 283 -33.97 -16.18 -36.15
N LEU C 284 -33.60 -16.80 -35.03
CA LEU C 284 -32.56 -16.25 -34.18
C LEU C 284 -31.19 -16.73 -34.67
N TYR C 285 -30.30 -15.78 -34.91
CA TYR C 285 -28.94 -16.05 -35.33
C TYR C 285 -27.95 -15.62 -34.27
N CYS C 286 -26.85 -16.37 -34.14
CA CYS C 286 -25.79 -16.05 -33.20
C CYS C 286 -24.48 -15.99 -33.97
N ILE C 287 -23.90 -14.80 -34.07
CA ILE C 287 -22.66 -14.56 -34.81
C ILE C 287 -21.53 -14.45 -33.79
N ASP C 288 -20.56 -15.35 -33.88
CA ASP C 288 -19.36 -15.35 -33.04
C ASP C 288 -18.16 -15.14 -33.95
N GLY C 289 -17.92 -13.88 -34.32
CA GLY C 289 -16.86 -13.57 -35.25
C GLY C 289 -17.18 -14.10 -36.64
N ALA C 290 -16.49 -15.16 -37.05
CA ALA C 290 -16.75 -15.79 -38.33
C ALA C 290 -17.76 -16.92 -38.23
N LEU C 291 -18.23 -17.24 -37.04
CA LEU C 291 -19.10 -18.39 -36.81
C LEU C 291 -20.56 -17.96 -36.76
N LEU C 292 -21.45 -18.89 -37.12
CA LEU C 292 -22.88 -18.63 -37.23
C LEU C 292 -23.65 -19.75 -36.58
N THR C 293 -24.77 -19.41 -35.92
CA THR C 293 -25.57 -20.38 -35.20
C THR C 293 -27.03 -19.97 -35.29
N LYS C 294 -27.90 -20.92 -35.64
CA LYS C 294 -29.33 -20.70 -35.74
C LYS C 294 -30.05 -21.40 -34.59
N SER C 295 -31.24 -20.88 -34.26
CA SER C 295 -32.13 -21.51 -33.28
C SER C 295 -33.46 -20.77 -33.32
N SER C 296 -34.52 -21.47 -32.88
CA SER C 296 -35.84 -20.87 -32.86
C SER C 296 -35.98 -19.91 -31.68
N GLU C 297 -35.43 -20.27 -30.53
CA GLU C 297 -35.47 -19.42 -29.36
C GLU C 297 -34.07 -19.44 -28.75
N TYR C 298 -33.80 -18.49 -27.86
CA TYR C 298 -32.46 -18.35 -27.31
C TYR C 298 -32.52 -18.06 -25.82
N LYS C 299 -31.57 -18.63 -25.08
CA LYS C 299 -31.45 -18.42 -23.63
C LYS C 299 -29.97 -18.34 -23.27
N GLY C 300 -29.52 -17.15 -22.89
CA GLY C 300 -28.14 -16.94 -22.52
C GLY C 300 -27.93 -15.64 -21.76
N PRO C 301 -26.67 -15.36 -21.41
CA PRO C 301 -26.36 -14.13 -20.66
C PRO C 301 -26.33 -12.89 -21.55
N ILE C 302 -27.36 -12.07 -21.49
CA ILE C 302 -27.47 -10.89 -22.34
C ILE C 302 -27.15 -9.67 -21.49
N THR C 303 -26.44 -8.70 -22.09
CA THR C 303 -26.10 -7.46 -21.41
C THR C 303 -26.60 -6.22 -22.13
N ASP C 304 -26.78 -6.25 -23.45
CA ASP C 304 -27.30 -5.13 -24.23
C ASP C 304 -28.36 -5.65 -25.18
N VAL C 305 -29.46 -4.90 -25.31
CA VAL C 305 -30.53 -5.23 -26.25
C VAL C 305 -30.91 -3.97 -27.02
N PHE C 306 -31.03 -4.10 -28.34
CA PHE C 306 -31.33 -2.96 -29.21
C PHE C 306 -32.71 -3.15 -29.84
N TYR C 307 -33.54 -2.10 -29.77
CA TYR C 307 -34.89 -2.12 -30.31
C TYR C 307 -35.07 -1.04 -31.36
N LYS C 308 -35.93 -1.33 -32.34
CA LYS C 308 -36.31 -0.34 -33.33
C LYS C 308 -37.44 0.54 -32.79
N GLU C 309 -37.36 1.83 -33.09
CA GLU C 309 -38.36 2.77 -32.61
C GLU C 309 -38.58 3.85 -33.66
N ASN C 310 -39.74 4.49 -33.60
CA ASN C 310 -40.03 5.63 -34.46
C ASN C 310 -40.62 6.76 -33.64
N SER C 311 -41.82 6.55 -33.09
CA SER C 311 -42.45 7.50 -32.19
C SER C 311 -43.40 6.73 -31.29
N TYR C 312 -43.18 6.82 -29.98
CA TYR C 312 -44.00 6.13 -28.99
C TYR C 312 -44.48 7.12 -27.94
N THR C 313 -45.77 7.06 -27.63
CA THR C 313 -46.37 7.84 -26.57
C THR C 313 -47.17 6.86 -25.71
N THR C 314 -46.97 6.93 -24.40
CA THR C 314 -47.58 5.96 -23.51
C THR C 314 -49.09 6.16 -23.42
N THR C 315 -49.77 5.09 -23.00
CA THR C 315 -51.20 5.09 -22.73
C THR C 315 -51.49 5.20 -21.25
N ILE C 316 -50.45 5.38 -20.43
CA ILE C 316 -50.63 5.45 -18.98
C ILE C 316 -51.39 6.71 -18.60
N LYS C 317 -50.88 7.87 -19.01
CA LYS C 317 -51.55 9.15 -18.83
C LYS C 317 -52.00 9.39 -17.37
N PRO C 318 -51.07 9.37 -16.42
CA PRO C 318 -51.46 9.51 -15.02
C PRO C 318 -51.87 10.95 -14.71
N LEU C 319 -52.51 11.11 -13.56
CA LEU C 319 -52.84 12.43 -13.02
C LEU C 319 -52.78 12.42 -11.49
N GLU D 3 59.57 -4.27 56.47
CA GLU D 3 59.23 -3.03 55.80
C GLU D 3 57.86 -3.11 55.12
N VAL D 4 57.39 -4.31 54.84
CA VAL D 4 56.07 -4.52 54.22
C VAL D 4 55.14 -5.09 55.27
N ARG D 5 53.91 -4.59 55.30
CA ARG D 5 52.87 -5.15 56.14
C ARG D 5 51.74 -5.61 55.25
N THR D 6 51.27 -6.84 55.48
CA THR D 6 50.31 -7.48 54.62
C THR D 6 49.21 -8.13 55.44
N ILE D 7 48.03 -8.23 54.83
CA ILE D 7 46.93 -9.03 55.35
C ILE D 7 46.45 -9.92 54.22
N LYS D 8 45.80 -11.02 54.59
CA LYS D 8 45.26 -11.97 53.64
C LYS D 8 43.77 -11.70 53.43
N VAL D 9 43.36 -11.61 52.17
CA VAL D 9 41.97 -11.41 51.80
C VAL D 9 41.62 -12.41 50.69
N PHE D 10 40.35 -12.42 50.31
CA PHE D 10 39.86 -13.31 49.26
C PHE D 10 39.21 -12.48 48.17
N THR D 11 39.54 -12.81 46.92
CA THR D 11 38.89 -12.24 45.76
C THR D 11 38.00 -13.27 45.08
N THR D 12 36.94 -12.78 44.45
CA THR D 12 35.99 -13.65 43.77
C THR D 12 35.22 -12.82 42.75
N VAL D 13 34.59 -13.52 41.80
CA VAL D 13 33.63 -12.89 40.88
C VAL D 13 32.24 -13.48 41.00
N ASP D 14 32.09 -14.58 41.74
CA ASP D 14 30.81 -15.28 41.84
C ASP D 14 30.43 -15.63 43.26
N ASN D 15 31.26 -15.31 44.24
CA ASN D 15 31.06 -15.68 45.65
C ASN D 15 30.97 -17.19 45.85
N ILE D 16 31.47 -17.98 44.90
CA ILE D 16 31.55 -19.42 45.04
C ILE D 16 33.00 -19.89 45.07
N ASN D 17 33.82 -19.38 44.15
CA ASN D 17 35.24 -19.69 44.08
C ASN D 17 36.03 -18.54 44.67
N LEU D 18 36.69 -18.77 45.79
CA LEU D 18 37.50 -17.76 46.45
C LEU D 18 38.96 -17.93 46.07
N HIS D 19 39.67 -16.82 45.94
CA HIS D 19 41.08 -16.80 45.56
C HIS D 19 41.85 -16.01 46.60
N THR D 20 42.71 -16.70 47.36
CA THR D 20 43.49 -16.04 48.40
C THR D 20 44.47 -15.04 47.80
N GLN D 21 44.46 -13.82 48.31
CA GLN D 21 45.40 -12.78 47.90
C GLN D 21 46.05 -12.19 49.13
N VAL D 22 47.35 -11.91 49.04
CA VAL D 22 48.09 -11.20 50.07
C VAL D 22 48.37 -9.79 49.54
N VAL D 23 47.87 -8.78 50.24
CA VAL D 23 47.88 -7.41 49.76
C VAL D 23 48.81 -6.57 50.62
N ASP D 24 49.35 -5.52 50.02
CA ASP D 24 50.21 -4.58 50.71
C ASP D 24 49.35 -3.46 51.29
N MET D 25 49.50 -3.21 52.59
CA MET D 25 48.65 -2.25 53.27
C MET D 25 48.96 -0.80 52.91
N SER D 26 49.99 -0.55 52.10
CA SER D 26 50.36 0.81 51.72
C SER D 26 49.75 1.25 50.40
N MET D 27 49.39 0.32 49.52
CA MET D 27 48.74 0.63 48.26
C MET D 27 47.23 0.43 48.40
N THR D 28 46.48 1.08 47.52
CA THR D 28 45.04 0.92 47.55
C THR D 28 44.64 -0.39 46.87
N TYR D 29 43.38 -0.79 47.06
CA TYR D 29 42.88 -1.99 46.40
C TYR D 29 42.87 -1.82 44.88
N GLY D 30 42.63 -0.59 44.41
CA GLY D 30 42.67 -0.36 42.98
C GLY D 30 44.04 -0.56 42.38
N GLN D 31 45.08 -0.19 43.14
CA GLN D 31 46.44 -0.37 42.66
C GLN D 31 46.87 -1.83 42.64
N GLN D 32 46.09 -2.73 43.26
CA GLN D 32 46.44 -4.14 43.35
C GLN D 32 45.46 -5.06 42.64
N PHE D 33 44.16 -4.76 42.70
CA PHE D 33 43.13 -5.58 42.07
C PHE D 33 42.41 -4.89 40.92
N GLY D 34 42.47 -3.57 40.87
CA GLY D 34 41.60 -2.81 40.01
C GLY D 34 40.33 -2.45 40.74
N PRO D 35 39.24 -2.24 40.00
CA PRO D 35 37.95 -1.95 40.66
C PRO D 35 37.55 -3.08 41.59
N THR D 36 37.42 -2.76 42.88
CA THR D 36 37.15 -3.74 43.91
C THR D 36 35.96 -3.31 44.75
N TYR D 37 35.10 -4.27 45.06
CA TYR D 37 33.88 -4.02 45.83
C TYR D 37 33.85 -4.90 47.08
N LEU D 38 33.45 -4.30 48.20
CA LEU D 38 33.29 -4.99 49.48
C LEU D 38 31.86 -4.82 49.94
N ASP D 39 31.06 -5.88 49.82
CA ASP D 39 29.65 -5.88 50.21
C ASP D 39 28.87 -4.81 49.44
N GLY D 40 29.11 -4.76 48.14
CA GLY D 40 28.43 -3.81 47.27
C GLY D 40 29.05 -2.44 47.21
N ALA D 41 29.83 -2.04 48.22
CA ALA D 41 30.44 -0.72 48.28
C ALA D 41 31.78 -0.70 47.55
N ASP D 42 32.01 0.36 46.78
CA ASP D 42 33.26 0.52 46.04
C ASP D 42 34.39 0.84 47.01
N VAL D 43 35.39 -0.05 47.08
CA VAL D 43 36.56 0.15 47.93
C VAL D 43 37.84 0.27 47.10
N THR D 44 37.69 0.65 45.83
CA THR D 44 38.86 0.76 44.95
C THR D 44 39.85 1.81 45.46
N LYS D 45 39.35 2.97 45.87
CA LYS D 45 40.17 4.13 46.21
C LYS D 45 40.57 4.15 47.67
N ILE D 46 40.51 3.01 48.37
CA ILE D 46 40.91 2.96 49.77
C ILE D 46 41.96 1.86 49.92
N LYS D 47 42.70 1.93 51.04
CA LYS D 47 43.79 1.03 51.34
C LYS D 47 43.33 -0.06 52.31
N PRO D 48 43.98 -1.23 52.28
CA PRO D 48 43.56 -2.32 53.17
C PRO D 48 43.81 -1.98 54.64
N HIS D 49 42.81 -2.22 55.47
CA HIS D 49 42.86 -2.07 56.91
C HIS D 49 42.85 -3.43 57.57
N ASN D 50 43.26 -3.49 58.84
CA ASN D 50 43.24 -4.75 59.57
C ASN D 50 41.84 -5.33 59.71
N SER D 51 40.79 -4.51 59.56
CA SER D 51 39.44 -5.03 59.69
C SER D 51 38.98 -5.80 58.45
N HIS D 52 39.78 -5.78 57.38
CA HIS D 52 39.51 -6.53 56.17
C HIS D 52 40.09 -7.94 56.22
N GLU D 53 40.83 -8.27 57.27
CA GLU D 53 41.47 -9.58 57.41
C GLU D 53 40.47 -10.72 57.22
N GLY D 54 40.60 -11.45 56.12
CA GLY D 54 39.78 -12.63 55.88
C GLY D 54 38.46 -12.39 55.18
N LYS D 55 38.13 -11.14 54.85
CA LYS D 55 36.89 -10.85 54.16
C LYS D 55 37.01 -11.13 52.67
N THR D 56 35.86 -11.19 52.00
CA THR D 56 35.76 -11.56 50.60
C THR D 56 35.47 -10.32 49.76
N PHE D 57 36.28 -10.11 48.73
CA PHE D 57 36.16 -8.93 47.87
C PHE D 57 35.78 -9.35 46.47
N TYR D 58 34.86 -8.59 45.87
CA TYR D 58 34.51 -8.77 44.47
C TYR D 58 35.50 -8.02 43.60
N VAL D 59 35.84 -8.61 42.45
CA VAL D 59 36.76 -7.97 41.51
C VAL D 59 36.20 -8.16 40.12
N LEU D 60 36.68 -7.34 39.18
CA LEU D 60 36.29 -7.54 37.80
C LEU D 60 37.18 -8.61 37.15
N PRO D 61 36.63 -9.41 36.25
CA PRO D 61 37.44 -10.48 35.65
C PRO D 61 38.55 -9.95 34.75
N ASN D 62 39.71 -9.68 35.33
CA ASN D 62 40.91 -9.30 34.58
C ASN D 62 41.86 -10.48 34.35
N ASP D 63 41.52 -11.67 34.84
CA ASP D 63 42.34 -12.87 34.71
C ASP D 63 41.59 -13.91 33.89
N ASP D 64 42.34 -14.90 33.39
CA ASP D 64 41.72 -15.98 32.62
C ASP D 64 40.87 -16.89 33.50
N THR D 65 41.30 -17.14 34.74
CA THR D 65 40.49 -17.95 35.62
C THR D 65 39.23 -17.21 36.05
N LEU D 66 39.33 -15.91 36.31
CA LEU D 66 38.16 -15.13 36.67
C LEU D 66 37.18 -15.01 35.52
N ARG D 67 37.70 -14.87 34.29
CA ARG D 67 36.83 -14.80 33.12
C ARG D 67 36.04 -16.09 32.93
N VAL D 68 36.68 -17.24 33.14
CA VAL D 68 35.97 -18.51 33.04
C VAL D 68 34.93 -18.62 34.16
N GLU D 69 35.31 -18.27 35.39
CA GLU D 69 34.36 -18.36 36.50
C GLU D 69 33.21 -17.39 36.33
N ALA D 70 33.49 -16.18 35.83
CA ALA D 70 32.43 -15.21 35.59
C ALA D 70 31.50 -15.68 34.48
N PHE D 71 32.05 -16.37 33.47
CA PHE D 71 31.21 -16.91 32.41
C PHE D 71 30.36 -18.06 32.91
N GLU D 72 30.90 -18.88 33.81
CA GLU D 72 30.15 -19.99 34.36
C GLU D 72 28.97 -19.52 35.21
N TYR D 73 29.07 -18.30 35.75
CA TYR D 73 28.07 -17.77 36.68
C TYR D 73 27.05 -16.87 36.00
N TYR D 74 27.48 -15.99 35.09
CA TYR D 74 26.61 -15.02 34.44
C TYR D 74 26.22 -15.38 33.02
N HIS D 75 26.89 -16.38 32.42
CA HIS D 75 26.64 -16.80 31.03
C HIS D 75 26.84 -15.65 30.04
N THR D 76 27.82 -14.79 30.30
CA THR D 76 28.14 -13.71 29.37
C THR D 76 29.57 -13.25 29.63
N THR D 77 30.21 -12.77 28.57
CA THR D 77 31.56 -12.21 28.66
C THR D 77 31.59 -10.71 28.37
N ASP D 78 30.43 -10.06 28.27
CA ASP D 78 30.37 -8.63 28.06
C ASP D 78 31.15 -7.92 29.16
N PRO D 79 32.20 -7.16 28.83
CA PRO D 79 32.97 -6.46 29.87
C PRO D 79 32.16 -5.43 30.62
N SER D 80 31.22 -4.75 29.96
CA SER D 80 30.41 -3.73 30.61
C SER D 80 29.27 -4.33 31.44
N PHE D 81 29.19 -5.65 31.57
CA PHE D 81 28.05 -6.26 32.25
C PHE D 81 28.07 -5.97 33.75
N LEU D 82 29.14 -6.36 34.42
CA LEU D 82 29.24 -6.08 35.86
C LEU D 82 29.23 -4.59 36.13
N GLY D 83 29.85 -3.80 35.26
CA GLY D 83 29.80 -2.35 35.43
C GLY D 83 28.37 -1.84 35.42
N ARG D 84 27.57 -2.30 34.47
CA ARG D 84 26.17 -1.90 34.43
C ARG D 84 25.38 -2.57 35.56
N TYR D 85 25.78 -3.77 35.97
CA TYR D 85 25.08 -4.45 37.05
C TYR D 85 25.35 -3.80 38.40
N MET D 86 26.60 -3.37 38.64
CA MET D 86 26.92 -2.70 39.89
C MET D 86 26.30 -1.31 39.95
N SER D 87 26.22 -0.62 38.81
CA SER D 87 25.56 0.68 38.78
C SER D 87 24.08 0.56 39.11
N ALA D 88 23.41 -0.44 38.54
CA ALA D 88 22.00 -0.64 38.83
C ALA D 88 21.79 -1.09 40.27
N LEU D 89 22.63 -2.00 40.77
CA LEU D 89 22.47 -2.48 42.13
C LEU D 89 22.61 -1.36 43.15
N ASN D 90 23.34 -0.30 42.78
CA ASN D 90 23.45 0.86 43.67
C ASN D 90 22.12 1.56 43.85
N HIS D 91 21.21 1.45 42.88
CA HIS D 91 19.88 2.03 43.00
C HIS D 91 18.86 1.04 43.54
N THR D 92 18.90 -0.21 43.06
CA THR D 92 17.89 -1.18 43.45
C THR D 92 17.97 -1.53 44.94
N LYS D 93 19.17 -1.42 45.54
CA LYS D 93 19.30 -1.69 46.97
C LYS D 93 18.63 -0.63 47.84
N LYS D 94 18.31 0.53 47.27
CA LYS D 94 17.59 1.59 47.97
C LYS D 94 16.08 1.53 47.75
N TRP D 95 15.59 0.62 46.93
CA TRP D 95 14.16 0.52 46.69
C TRP D 95 13.48 -0.24 47.82
N LYS D 96 12.15 -0.14 47.85
CA LYS D 96 11.33 -0.83 48.83
C LYS D 96 10.57 -1.97 48.14
N TYR D 97 10.56 -3.14 48.76
CA TYR D 97 9.98 -4.35 48.20
C TYR D 97 8.91 -4.88 49.15
N PRO D 98 7.72 -4.28 49.15
CA PRO D 98 6.67 -4.73 50.07
C PRO D 98 6.07 -6.06 49.64
N GLN D 99 5.64 -6.83 50.64
CA GLN D 99 4.95 -8.09 50.39
C GLN D 99 3.48 -7.76 50.18
N VAL D 100 3.08 -7.58 48.93
CA VAL D 100 1.71 -7.22 48.57
C VAL D 100 0.99 -8.50 48.16
N ASN D 101 0.08 -8.97 49.02
CA ASN D 101 -0.75 -10.14 48.74
C ASN D 101 0.12 -11.37 48.47
N GLY D 102 1.02 -11.66 49.41
CA GLY D 102 1.88 -12.82 49.32
C GLY D 102 2.99 -12.74 48.28
N LEU D 103 2.98 -11.73 47.41
CA LEU D 103 3.98 -11.56 46.37
C LEU D 103 4.90 -10.40 46.72
N THR D 104 6.08 -10.37 46.08
CA THR D 104 7.07 -9.33 46.31
C THR D 104 6.96 -8.29 45.19
N SER D 105 6.51 -7.09 45.55
CA SER D 105 6.39 -6.00 44.60
C SER D 105 7.51 -5.00 44.81
N ILE D 106 7.41 -3.85 44.13
CA ILE D 106 8.39 -2.78 44.25
C ILE D 106 7.64 -1.46 44.38
N LYS D 107 7.94 -0.70 45.42
CA LYS D 107 7.38 0.64 45.56
C LYS D 107 7.88 1.52 44.42
N TRP D 108 6.96 2.29 43.83
CA TRP D 108 7.28 3.07 42.64
C TRP D 108 8.44 4.03 42.89
N ALA D 109 9.45 3.96 42.01
CA ALA D 109 10.63 4.80 42.04
C ALA D 109 11.43 4.61 40.76
N ASP D 110 11.86 5.71 40.12
CA ASP D 110 12.71 5.65 38.94
C ASP D 110 12.04 4.87 37.79
N ASN D 111 10.74 5.07 37.65
CA ASN D 111 9.97 4.45 36.56
C ASN D 111 10.10 2.93 36.57
N ASN D 112 10.14 2.33 37.75
CA ASN D 112 10.33 0.88 37.84
C ASN D 112 9.02 0.10 37.77
N CYS D 113 7.91 0.75 37.38
CA CYS D 113 6.62 0.07 37.37
C CYS D 113 6.64 -1.14 36.45
N TYR D 114 7.30 -1.03 35.31
CA TYR D 114 7.41 -2.17 34.40
C TYR D 114 8.26 -3.28 35.02
N LEU D 115 9.28 -2.91 35.79
CA LEU D 115 10.07 -3.92 36.49
C LEU D 115 9.23 -4.64 37.55
N ALA D 116 8.45 -3.88 38.32
CA ALA D 116 7.59 -4.49 39.33
C ALA D 116 6.58 -5.44 38.69
N THR D 117 5.96 -5.02 37.58
CA THR D 117 5.00 -5.88 36.90
C THR D 117 5.65 -7.18 36.43
N ALA D 118 6.84 -7.09 35.84
CA ALA D 118 7.56 -8.30 35.43
C ALA D 118 7.95 -9.14 36.64
N LEU D 119 8.41 -8.49 37.72
CA LEU D 119 8.81 -9.23 38.92
C LEU D 119 7.64 -9.97 39.55
N LEU D 120 6.46 -9.34 39.58
CA LEU D 120 5.29 -10.03 40.11
C LEU D 120 4.87 -11.18 39.22
N THR D 121 4.99 -11.00 37.89
CA THR D 121 4.62 -12.06 36.97
C THR D 121 5.57 -13.25 37.10
N LEU D 122 6.86 -12.98 37.32
CA LEU D 122 7.83 -14.07 37.43
C LEU D 122 7.55 -14.94 38.65
N GLN D 123 6.92 -14.39 39.68
CA GLN D 123 6.58 -15.16 40.87
C GLN D 123 5.30 -15.99 40.74
N GLN D 124 4.63 -15.94 39.58
CA GLN D 124 3.38 -16.66 39.40
C GLN D 124 3.42 -17.67 38.26
N ILE D 125 4.54 -17.78 37.54
CA ILE D 125 4.69 -18.74 36.45
C ILE D 125 5.88 -19.64 36.76
N GLU D 126 5.77 -20.91 36.39
CA GLU D 126 6.84 -21.86 36.61
C GLU D 126 7.97 -21.61 35.62
N LEU D 127 9.15 -21.27 36.14
CA LEU D 127 10.25 -20.83 35.30
C LEU D 127 11.56 -21.09 36.01
N LYS D 128 12.52 -21.68 35.30
CA LYS D 128 13.85 -21.93 35.83
C LYS D 128 14.88 -21.29 34.89
N PHE D 129 15.77 -20.48 35.45
CA PHE D 129 16.76 -19.75 34.69
C PHE D 129 18.05 -20.54 34.56
N ASN D 130 18.71 -20.41 33.40
CA ASN D 130 19.96 -21.12 33.13
C ASN D 130 21.17 -20.48 33.83
N PRO D 131 21.38 -19.17 33.75
CA PRO D 131 22.53 -18.58 34.44
C PRO D 131 22.43 -18.77 35.94
N PRO D 132 23.47 -19.31 36.58
CA PRO D 132 23.42 -19.51 38.04
C PRO D 132 23.21 -18.22 38.81
N ALA D 133 23.73 -17.09 38.32
CA ALA D 133 23.50 -15.82 38.99
C ALA D 133 22.02 -15.48 39.04
N LEU D 134 21.29 -15.76 37.95
CA LEU D 134 19.85 -15.49 37.90
C LEU D 134 19.07 -16.44 38.80
N GLN D 135 19.43 -17.72 38.80
CA GLN D 135 18.70 -18.70 39.60
C GLN D 135 18.84 -18.41 41.09
N ASP D 136 20.04 -17.98 41.52
CA ASP D 136 20.23 -17.63 42.92
C ASP D 136 19.47 -16.37 43.31
N ALA D 137 19.50 -15.34 42.45
CA ALA D 137 18.77 -14.11 42.73
C ALA D 137 17.26 -14.31 42.59
N TYR D 138 16.84 -15.28 41.78
CA TYR D 138 15.42 -15.57 41.64
C TYR D 138 14.82 -16.07 42.96
N TYR D 139 15.54 -16.95 43.66
CA TYR D 139 15.03 -17.49 44.93
C TYR D 139 14.99 -16.42 46.01
N ARG D 140 16.05 -15.62 46.10
CA ARG D 140 16.14 -14.57 47.11
C ARG D 140 15.15 -13.44 46.87
N ALA D 141 14.67 -13.27 45.64
CA ALA D 141 13.67 -12.24 45.36
C ALA D 141 12.31 -12.59 45.97
N ARG D 142 11.92 -13.87 45.89
CA ARG D 142 10.69 -14.30 46.55
C ARG D 142 10.82 -14.21 48.07
N ALA D 143 12.04 -14.34 48.59
CA ALA D 143 12.26 -14.19 50.02
C ALA D 143 12.07 -12.75 50.47
N GLY D 144 12.68 -11.81 49.76
CA GLY D 144 12.61 -10.40 50.09
C GLY D 144 13.78 -9.67 49.47
N GLU D 145 14.86 -10.41 49.21
CA GLU D 145 16.07 -9.85 48.59
C GLU D 145 15.85 -9.78 47.08
N ALA D 146 15.01 -8.83 46.68
CA ALA D 146 14.73 -8.61 45.28
C ALA D 146 15.63 -7.54 44.67
N ALA D 147 16.38 -6.79 45.48
CA ALA D 147 17.23 -5.75 44.92
C ALA D 147 18.30 -6.33 44.02
N ASN D 148 18.89 -7.46 44.42
CA ASN D 148 19.90 -8.10 43.59
C ASN D 148 19.30 -8.66 42.31
N PHE D 149 18.07 -9.15 42.38
CA PHE D 149 17.45 -9.74 41.19
C PHE D 149 17.07 -8.66 40.18
N CYS D 150 16.56 -7.53 40.66
CA CYS D 150 16.19 -6.45 39.75
C CYS D 150 17.41 -5.85 39.07
N ALA D 151 18.56 -5.80 39.76
CA ALA D 151 19.77 -5.28 39.13
C ALA D 151 20.25 -6.20 38.02
N LEU D 152 20.19 -7.52 38.24
CA LEU D 152 20.56 -8.47 37.18
C LEU D 152 19.64 -8.34 35.99
N ILE D 153 18.33 -8.18 36.23
CA ILE D 153 17.37 -8.01 35.14
C ILE D 153 17.77 -6.83 34.27
N LEU D 154 18.05 -5.68 34.90
CA LEU D 154 18.47 -4.50 34.15
C LEU D 154 19.75 -4.77 33.39
N ALA D 155 20.69 -5.50 33.99
CA ALA D 155 21.94 -5.77 33.32
C ALA D 155 21.76 -6.70 32.13
N TYR D 156 20.93 -7.73 32.26
CA TYR D 156 20.70 -8.66 31.16
C TYR D 156 19.94 -7.99 30.02
N CYS D 157 18.99 -7.12 30.34
CA CYS D 157 18.22 -6.44 29.31
C CYS D 157 18.92 -5.20 28.76
N ASN D 158 20.10 -4.89 29.28
CA ASN D 158 20.86 -3.71 28.87
C ASN D 158 20.01 -2.44 28.96
N LYS D 159 19.47 -2.20 30.16
CA LYS D 159 18.63 -1.04 30.44
C LYS D 159 19.10 -0.38 31.74
N THR D 160 19.42 0.91 31.67
CA THR D 160 19.85 1.64 32.85
C THR D 160 18.66 2.10 33.68
N VAL D 161 18.91 2.23 34.99
CA VAL D 161 17.86 2.61 35.92
C VAL D 161 17.29 3.97 35.57
N GLY D 162 15.99 4.13 35.77
CA GLY D 162 15.31 5.39 35.53
C GLY D 162 14.64 5.50 34.18
N GLU D 163 14.93 4.61 33.26
CA GLU D 163 14.36 4.65 31.93
C GLU D 163 13.02 3.92 31.90
N LEU D 164 12.11 4.45 31.08
CA LEU D 164 10.84 3.79 30.87
C LEU D 164 11.06 2.46 30.18
N GLY D 165 10.18 1.50 30.44
CA GLY D 165 10.40 0.15 29.98
C GLY D 165 9.13 -0.50 29.47
N ASP D 166 9.31 -1.70 28.93
CA ASP D 166 8.24 -2.52 28.39
C ASP D 166 8.29 -3.86 29.10
N VAL D 167 7.14 -4.32 29.61
CA VAL D 167 7.12 -5.60 30.32
C VAL D 167 7.35 -6.75 29.35
N ARG D 168 6.71 -6.70 28.17
CA ARG D 168 6.92 -7.76 27.18
C ARG D 168 8.35 -7.79 26.70
N GLU D 169 8.97 -6.62 26.53
CA GLU D 169 10.38 -6.59 26.15
C GLU D 169 11.25 -7.23 27.23
N THR D 170 10.94 -6.98 28.50
CA THR D 170 11.73 -7.58 29.57
C THR D 170 11.54 -9.09 29.65
N MET D 171 10.31 -9.57 29.48
CA MET D 171 10.06 -11.00 29.58
C MET D 171 10.81 -11.78 28.51
N SER D 172 10.76 -11.29 27.26
CA SER D 172 11.40 -12.04 26.18
C SER D 172 12.91 -12.09 26.33
N TYR D 173 13.52 -11.03 26.86
CA TYR D 173 14.96 -11.06 27.14
C TYR D 173 15.28 -12.08 28.22
N LEU D 174 14.50 -12.12 29.30
CA LEU D 174 14.75 -13.08 30.36
C LEU D 174 14.47 -14.52 29.92
N PHE D 175 13.46 -14.71 29.06
CA PHE D 175 13.15 -16.04 28.58
C PHE D 175 14.30 -16.66 27.79
N GLN D 176 15.13 -15.83 27.17
CA GLN D 176 16.31 -16.36 26.49
C GLN D 176 17.27 -17.02 27.48
N HIS D 177 17.30 -16.55 28.73
CA HIS D 177 18.11 -17.15 29.78
C HIS D 177 17.33 -18.15 30.62
N ALA D 178 16.14 -18.54 30.18
CA ALA D 178 15.32 -19.52 30.89
C ALA D 178 15.36 -20.87 30.16
N ASN D 179 15.08 -21.93 30.91
CA ASN D 179 15.06 -23.29 30.36
C ASN D 179 13.70 -23.51 29.71
N LEU D 180 13.57 -23.00 28.48
CA LEU D 180 12.33 -23.15 27.73
C LEU D 180 12.52 -23.95 26.46
N ASP D 181 13.65 -24.65 26.32
CA ASP D 181 13.90 -25.44 25.12
C ASP D 181 12.92 -26.61 25.00
N SER D 182 12.35 -27.06 26.11
CA SER D 182 11.37 -28.14 26.10
C SER D 182 9.96 -27.65 25.79
N CYS D 183 9.77 -26.36 25.56
CA CYS D 183 8.46 -25.83 25.20
C CYS D 183 8.23 -25.98 23.69
N LYS D 184 7.01 -26.33 23.32
CA LYS D 184 6.67 -26.65 21.95
C LYS D 184 5.29 -26.11 21.62
N ARG D 185 5.17 -25.50 20.45
CA ARG D 185 3.90 -24.99 19.95
C ARG D 185 3.72 -25.42 18.50
N VAL D 186 2.51 -25.88 18.17
CA VAL D 186 2.18 -26.30 16.82
C VAL D 186 1.03 -25.43 16.33
N LEU D 187 1.28 -24.66 15.27
CA LEU D 187 0.27 -23.80 14.67
C LEU D 187 -0.15 -24.36 13.32
N ASN D 188 -1.36 -24.00 12.90
CA ASN D 188 -1.88 -24.42 11.59
C ASN D 188 -2.73 -23.30 11.02
N VAL D 189 -2.44 -22.91 9.78
CA VAL D 189 -3.24 -21.92 9.07
C VAL D 189 -3.93 -22.63 7.92
N VAL D 190 -5.25 -22.46 7.82
CA VAL D 190 -6.07 -23.12 6.82
C VAL D 190 -6.80 -22.07 5.99
N CYS D 191 -6.72 -22.20 4.67
CA CYS D 191 -7.50 -21.40 3.75
C CYS D 191 -8.49 -22.32 3.03
N LYS D 192 -9.60 -21.74 2.57
CA LYS D 192 -10.66 -22.56 1.99
C LYS D 192 -10.22 -23.18 0.66
N THR D 193 -9.32 -22.54 -0.06
CA THR D 193 -8.80 -23.08 -1.32
C THR D 193 -7.29 -23.30 -1.30
N CYS D 194 -6.52 -22.44 -0.63
CA CYS D 194 -5.07 -22.63 -0.59
C CYS D 194 -4.70 -23.92 0.11
N GLY D 195 -5.44 -24.28 1.16
CA GLY D 195 -5.18 -25.51 1.88
C GLY D 195 -4.69 -25.26 3.29
N GLN D 196 -3.89 -26.17 3.82
CA GLN D 196 -3.39 -26.08 5.18
C GLN D 196 -1.86 -26.20 5.18
N GLN D 197 -1.23 -25.48 6.08
CA GLN D 197 0.21 -25.49 6.26
C GLN D 197 0.48 -25.25 7.72
N GLN D 198 1.26 -26.13 8.36
CA GLN D 198 1.51 -26.03 9.77
C GLN D 198 2.99 -25.80 10.03
N THR D 199 3.28 -25.03 11.07
CA THR D 199 4.64 -24.78 11.51
C THR D 199 4.77 -25.19 12.97
N THR D 200 6.00 -25.41 13.40
CA THR D 200 6.30 -25.85 14.75
C THR D 200 7.27 -24.88 15.39
N LEU D 201 6.98 -24.47 16.63
CA LEU D 201 7.78 -23.48 17.34
C LEU D 201 8.36 -24.09 18.60
N LYS D 202 9.63 -23.75 18.87
CA LYS D 202 10.33 -24.17 20.07
C LYS D 202 11.02 -22.97 20.68
N GLY D 203 11.29 -23.05 21.97
CA GLY D 203 11.98 -21.97 22.65
C GLY D 203 11.05 -20.85 23.06
N VAL D 204 11.53 -19.61 22.94
CA VAL D 204 10.74 -18.46 23.38
C VAL D 204 9.45 -18.35 22.58
N GLU D 205 9.51 -18.62 21.27
CA GLU D 205 8.31 -18.49 20.42
C GLU D 205 7.19 -19.45 20.81
N ALA D 206 7.49 -20.50 21.57
CA ALA D 206 6.45 -21.45 21.91
C ALA D 206 5.54 -20.95 23.01
N VAL D 207 5.92 -19.89 23.72
CA VAL D 207 5.16 -19.39 24.86
C VAL D 207 4.67 -17.96 24.67
N MET D 208 4.99 -17.32 23.53
CA MET D 208 4.59 -15.95 23.30
C MET D 208 3.82 -15.82 22.00
N TYR D 209 2.79 -14.98 22.01
CA TYR D 209 2.04 -14.64 20.81
C TYR D 209 1.72 -13.16 20.83
N MET D 210 1.82 -12.52 19.68
CA MET D 210 1.55 -11.10 19.52
C MET D 210 0.39 -10.91 18.56
N GLY D 211 -0.78 -10.59 19.10
CA GLY D 211 -1.95 -10.35 18.26
C GLY D 211 -3.26 -10.29 18.99
N THR D 212 -3.43 -11.14 20.01
CA THR D 212 -4.67 -11.15 20.78
C THR D 212 -4.35 -11.47 22.23
N LEU D 213 -5.19 -10.95 23.12
CA LEU D 213 -5.04 -11.25 24.54
C LEU D 213 -5.72 -12.55 24.93
N SER D 214 -6.73 -12.96 24.17
CA SER D 214 -7.55 -14.11 24.54
C SER D 214 -6.83 -15.41 24.14
N TYR D 215 -6.54 -16.26 25.14
CA TYR D 215 -6.01 -17.58 24.85
C TYR D 215 -7.04 -18.44 24.12
N GLU D 216 -8.32 -18.29 24.46
CA GLU D 216 -9.35 -19.09 23.84
C GLU D 216 -9.45 -18.80 22.34
N GLN D 217 -9.42 -17.51 21.97
CA GLN D 217 -9.49 -17.16 20.56
C GLN D 217 -8.32 -17.75 19.79
N PHE D 218 -7.17 -17.94 20.45
CA PHE D 218 -6.03 -18.55 19.79
C PHE D 218 -6.29 -20.01 19.44
N LYS D 219 -7.12 -20.69 20.23
CA LYS D 219 -7.49 -22.07 19.96
C LYS D 219 -8.66 -22.16 18.97
N LYS D 220 -9.62 -21.23 19.07
CA LYS D 220 -10.77 -21.23 18.18
C LYS D 220 -10.39 -20.78 16.77
N GLY D 221 -9.43 -19.87 16.64
CA GLY D 221 -8.99 -19.42 15.34
C GLY D 221 -8.96 -17.91 15.25
N VAL D 222 -7.90 -17.37 14.66
CA VAL D 222 -7.74 -15.93 14.46
C VAL D 222 -7.64 -15.65 12.97
N GLN D 223 -8.29 -14.58 12.52
CA GLN D 223 -8.28 -14.23 11.11
C GLN D 223 -6.94 -13.59 10.73
N ILE D 224 -6.33 -14.12 9.67
CA ILE D 224 -5.03 -13.64 9.21
C ILE D 224 -5.09 -13.54 7.68
N PRO D 225 -4.62 -12.46 7.07
CA PRO D 225 -4.67 -12.36 5.61
C PRO D 225 -3.79 -13.43 4.95
N CYS D 226 -4.24 -13.89 3.79
CA CYS D 226 -3.52 -14.89 3.02
C CYS D 226 -2.80 -14.26 1.84
N THR D 227 -1.78 -14.98 1.34
CA THR D 227 -1.02 -14.54 0.17
C THR D 227 -1.84 -14.62 -1.12
N CYS D 228 -2.98 -15.32 -1.09
CA CYS D 228 -3.89 -15.38 -2.25
C CYS D 228 -4.79 -14.15 -2.27
N GLY D 229 -5.61 -13.98 -1.25
CA GLY D 229 -6.46 -12.81 -1.16
C GLY D 229 -7.40 -12.85 0.02
N LYS D 230 -8.20 -13.91 0.10
CA LYS D 230 -9.25 -14.02 1.09
C LYS D 230 -8.66 -14.36 2.46
N GLN D 231 -9.54 -14.41 3.46
CA GLN D 231 -9.12 -14.52 4.85
C GLN D 231 -8.96 -16.00 5.23
N ALA D 232 -7.80 -16.32 5.81
CA ALA D 232 -7.52 -17.64 6.33
C ALA D 232 -7.70 -17.64 7.84
N THR D 233 -7.54 -18.83 8.44
CA THR D 233 -7.69 -19.00 9.88
C THR D 233 -6.46 -19.69 10.44
N LYS D 234 -5.82 -19.07 11.42
CA LYS D 234 -4.68 -19.63 12.14
C LYS D 234 -5.13 -20.03 13.53
N TYR D 235 -4.87 -21.28 13.91
CA TYR D 235 -5.27 -21.77 15.23
C TYR D 235 -4.14 -22.57 15.85
N LEU D 236 -4.23 -22.73 17.16
CA LEU D 236 -3.26 -23.51 17.92
C LEU D 236 -3.62 -24.99 17.87
N VAL D 237 -2.68 -25.81 17.40
CA VAL D 237 -2.90 -27.25 17.32
C VAL D 237 -2.49 -27.91 18.62
N GLN D 238 -1.23 -27.75 19.02
CA GLN D 238 -0.74 -28.36 20.25
C GLN D 238 0.15 -27.36 20.98
N GLN D 239 0.05 -27.35 22.31
CA GLN D 239 0.85 -26.44 23.14
C GLN D 239 1.33 -27.20 24.35
N GLU D 240 2.64 -27.21 24.58
CA GLU D 240 3.23 -27.88 25.75
C GLU D 240 4.25 -26.94 26.38
N SER D 241 3.88 -26.35 27.50
CA SER D 241 4.72 -25.39 28.22
C SER D 241 4.09 -25.14 29.58
N PRO D 242 4.88 -24.70 30.56
CA PRO D 242 4.29 -24.39 31.88
C PRO D 242 3.38 -23.19 31.89
N PHE D 243 3.42 -22.35 30.85
CA PHE D 243 2.58 -21.15 30.78
C PHE D 243 2.53 -20.71 29.32
N VAL D 244 1.65 -19.75 29.04
CA VAL D 244 1.64 -19.05 27.77
C VAL D 244 1.45 -17.56 28.05
N MET D 245 1.98 -16.73 27.16
CA MET D 245 1.90 -15.28 27.27
C MET D 245 1.28 -14.72 26.00
N MET D 246 0.09 -14.13 26.13
CA MET D 246 -0.60 -13.53 25.00
C MET D 246 -0.52 -12.02 25.12
N SER D 247 -0.04 -11.36 24.08
CA SER D 247 0.21 -9.93 24.10
C SER D 247 -0.48 -9.24 22.93
N ALA D 248 -0.81 -7.98 23.14
CA ALA D 248 -1.49 -7.15 22.16
C ALA D 248 -1.34 -5.70 22.59
N PRO D 249 -1.47 -4.76 21.66
CA PRO D 249 -1.39 -3.35 22.06
C PRO D 249 -2.46 -3.03 23.07
N PRO D 250 -2.20 -2.08 23.98
CA PRO D 250 -3.15 -1.80 25.05
C PRO D 250 -4.52 -1.46 24.52
N ALA D 251 -5.50 -2.29 24.88
CA ALA D 251 -6.88 -2.07 24.50
C ALA D 251 -7.78 -2.43 25.68
N GLN D 252 -8.94 -1.80 25.73
CA GLN D 252 -9.90 -2.10 26.78
C GLN D 252 -10.32 -3.57 26.69
N TYR D 253 -10.18 -4.29 27.79
CA TYR D 253 -10.37 -5.74 27.80
C TYR D 253 -10.91 -6.17 29.16
N GLU D 254 -11.82 -7.13 29.15
CA GLU D 254 -12.46 -7.62 30.36
C GLU D 254 -11.79 -8.91 30.81
N LEU D 255 -11.36 -8.95 32.06
CA LEU D 255 -10.73 -10.12 32.66
C LEU D 255 -11.74 -10.75 33.63
N LYS D 256 -12.22 -11.94 33.29
CA LYS D 256 -13.12 -12.66 34.17
C LYS D 256 -12.30 -13.48 35.17
N HIS D 257 -12.67 -13.42 36.44
CA HIS D 257 -11.90 -14.05 37.50
C HIS D 257 -11.81 -15.55 37.28
N GLY D 258 -10.63 -16.11 37.57
CA GLY D 258 -10.41 -17.54 37.48
C GLY D 258 -10.07 -18.07 36.11
N THR D 259 -10.05 -17.23 35.08
CA THR D 259 -9.78 -17.66 33.71
C THR D 259 -8.36 -17.33 33.24
N PHE D 260 -7.50 -16.84 34.14
CA PHE D 260 -6.14 -16.46 33.78
C PHE D 260 -5.32 -16.41 35.06
N THR D 261 -4.00 -16.35 34.89
CA THR D 261 -3.08 -16.23 36.01
C THR D 261 -2.90 -14.77 36.42
N CYS D 262 -2.34 -13.96 35.53
CA CYS D 262 -2.12 -12.54 35.80
C CYS D 262 -2.02 -11.79 34.47
N ALA D 263 -2.09 -10.46 34.57
CA ALA D 263 -2.13 -9.61 33.39
C ALA D 263 -1.38 -8.31 33.66
N SER D 264 -1.15 -7.56 32.59
CA SER D 264 -0.44 -6.29 32.65
C SER D 264 -1.37 -5.18 32.18
N GLU D 265 -1.67 -4.24 33.07
CA GLU D 265 -2.44 -3.06 32.71
C GLU D 265 -1.50 -1.93 32.32
N TYR D 266 -1.83 -1.23 31.23
CA TYR D 266 -1.02 -0.12 30.73
C TYR D 266 -1.92 1.07 30.46
N THR D 267 -1.67 2.17 31.16
CA THR D 267 -2.45 3.40 31.01
C THR D 267 -1.51 4.52 30.59
N GLY D 268 -1.95 5.34 29.63
CA GLY D 268 -1.14 6.44 29.15
C GLY D 268 -0.86 6.40 27.66
N ASN D 269 0.15 7.14 27.21
CA ASN D 269 0.50 7.20 25.79
C ASN D 269 1.69 6.30 25.50
N TYR D 270 2.07 6.24 24.23
CA TYR D 270 3.28 5.53 23.84
C TYR D 270 4.52 6.22 24.32
N GLN D 271 4.41 7.53 24.64
CA GLN D 271 5.55 8.35 25.06
C GLN D 271 5.85 8.15 26.54
N CYS D 272 4.80 8.04 27.36
CA CYS D 272 4.92 7.77 28.79
C CYS D 272 3.65 7.09 29.29
N GLY D 273 3.78 5.97 29.99
CA GLY D 273 2.64 5.21 30.46
C GLY D 273 2.87 4.71 31.87
N HIS D 274 1.88 3.97 32.36
CA HIS D 274 1.92 3.46 33.72
C HIS D 274 1.49 1.99 33.71
N TYR D 275 2.32 1.14 34.30
CA TYR D 275 2.06 -0.29 34.37
C TYR D 275 1.45 -0.65 35.72
N LYS D 276 0.40 -1.46 35.68
CA LYS D 276 -0.20 -2.05 36.87
C LYS D 276 -0.36 -3.55 36.65
N HIS D 277 -0.29 -4.31 37.72
CA HIS D 277 -0.33 -5.77 37.67
C HIS D 277 -1.65 -6.25 38.24
N ILE D 278 -2.42 -6.97 37.43
CA ILE D 278 -3.67 -7.60 37.86
C ILE D 278 -3.42 -9.09 37.98
N THR D 279 -3.79 -9.66 39.12
CA THR D 279 -3.63 -11.09 39.37
C THR D 279 -4.95 -11.67 39.86
N SER D 280 -5.16 -12.95 39.57
CA SER D 280 -6.39 -13.65 39.94
C SER D 280 -6.08 -14.67 41.03
N LYS D 281 -6.61 -14.43 42.23
CA LYS D 281 -6.48 -15.36 43.35
C LYS D 281 -7.86 -15.59 43.98
N GLU D 282 -8.01 -15.19 45.25
CA GLU D 282 -9.33 -15.27 45.87
C GLU D 282 -10.31 -14.30 45.24
N THR D 283 -9.83 -13.19 44.71
CA THR D 283 -10.63 -12.31 43.85
C THR D 283 -9.66 -11.65 42.87
N LEU D 284 -10.14 -10.64 42.16
CA LEU D 284 -9.25 -9.93 41.23
C LEU D 284 -8.51 -8.86 42.01
N TYR D 285 -7.18 -8.91 41.95
CA TYR D 285 -6.32 -7.95 42.62
C TYR D 285 -5.57 -7.11 41.60
N CYS D 286 -5.33 -5.85 41.98
CA CYS D 286 -4.58 -4.89 41.16
C CYS D 286 -3.46 -4.33 42.01
N ILE D 287 -2.22 -4.69 41.69
CA ILE D 287 -1.05 -4.26 42.44
C ILE D 287 -0.39 -3.13 41.68
N ASP D 288 -0.36 -1.94 42.29
CA ASP D 288 0.28 -0.77 41.70
C ASP D 288 1.42 -0.38 42.65
N GLY D 289 2.53 -1.09 42.54
CA GLY D 289 3.64 -0.90 43.45
C GLY D 289 3.33 -1.39 44.84
N ALA D 290 3.12 -0.46 45.77
CA ALA D 290 2.77 -0.81 47.14
C ALA D 290 1.27 -0.84 47.38
N LEU D 291 0.46 -0.47 46.40
CA LEU D 291 -0.99 -0.33 46.56
C LEU D 291 -1.70 -1.59 46.07
N LEU D 292 -2.87 -1.85 46.67
CA LEU D 292 -3.62 -3.08 46.41
C LEU D 292 -5.09 -2.73 46.22
N THR D 293 -5.77 -3.44 45.31
CA THR D 293 -7.16 -3.15 45.01
C THR D 293 -7.88 -4.43 44.62
N LYS D 294 -9.06 -4.65 45.19
CA LYS D 294 -9.89 -5.80 44.86
C LYS D 294 -11.07 -5.37 44.02
N SER D 295 -11.64 -6.34 43.30
CA SER D 295 -12.89 -6.18 42.56
C SER D 295 -13.34 -7.55 42.09
N SER D 296 -14.66 -7.67 41.85
CA SER D 296 -15.22 -8.92 41.36
C SER D 296 -14.94 -9.12 39.88
N GLU D 297 -14.98 -8.04 39.11
CA GLU D 297 -14.70 -8.07 37.68
C GLU D 297 -13.78 -6.91 37.31
N TYR D 298 -13.19 -7.00 36.13
CA TYR D 298 -12.23 -6.01 35.65
C TYR D 298 -12.45 -5.73 34.17
N LYS D 299 -12.33 -4.46 33.81
CA LYS D 299 -12.37 -4.03 32.42
C LYS D 299 -11.45 -2.82 32.30
N GLY D 300 -10.33 -2.99 31.62
CA GLY D 300 -9.36 -1.93 31.47
C GLY D 300 -8.37 -2.21 30.36
N PRO D 301 -7.39 -1.32 30.18
CA PRO D 301 -6.43 -1.51 29.09
C PRO D 301 -5.35 -2.52 29.43
N ILE D 302 -5.47 -3.72 28.87
CA ILE D 302 -4.53 -4.80 29.11
C ILE D 302 -3.65 -4.96 27.87
N THR D 303 -2.37 -5.28 28.11
CA THR D 303 -1.42 -5.51 27.03
C THR D 303 -0.79 -6.89 27.08
N ASP D 304 -0.73 -7.52 28.25
CA ASP D 304 -0.19 -8.86 28.40
C ASP D 304 -1.13 -9.68 29.28
N VAL D 305 -1.35 -10.93 28.91
CA VAL D 305 -2.13 -11.86 29.73
C VAL D 305 -1.38 -13.18 29.84
N PHE D 306 -1.28 -13.71 31.06
CA PHE D 306 -0.55 -14.94 31.31
C PHE D 306 -1.52 -16.04 31.75
N TYR D 307 -1.40 -17.20 31.12
CA TYR D 307 -2.24 -18.35 31.41
C TYR D 307 -1.38 -19.52 31.85
N LYS D 308 -1.94 -20.36 32.72
CA LYS D 308 -1.28 -21.61 33.09
C LYS D 308 -1.60 -22.68 32.06
N GLU D 309 -0.60 -23.47 31.71
CA GLU D 309 -0.78 -24.53 30.74
C GLU D 309 0.12 -25.69 31.12
N ASN D 310 -0.24 -26.88 30.63
CA ASN D 310 0.60 -28.05 30.82
C ASN D 310 0.75 -28.77 29.50
N SER D 311 -0.36 -29.28 28.97
CA SER D 311 -0.38 -29.91 27.66
C SER D 311 -1.78 -29.76 27.09
N TYR D 312 -1.88 -29.17 25.91
CA TYR D 312 -3.16 -28.97 25.23
C TYR D 312 -3.07 -29.52 23.82
N THR D 313 -4.12 -30.24 23.40
CA THR D 313 -4.23 -30.74 22.04
C THR D 313 -5.58 -30.31 21.50
N THR D 314 -5.58 -29.68 20.33
CA THR D 314 -6.82 -29.18 19.76
C THR D 314 -7.65 -30.32 19.18
N THR D 315 -8.96 -30.07 19.10
CA THR D 315 -9.90 -30.97 18.47
C THR D 315 -10.43 -30.45 17.14
N ILE D 316 -9.85 -29.38 16.59
CA ILE D 316 -10.52 -28.67 15.51
C ILE D 316 -10.70 -29.58 14.30
N LYS D 317 -9.66 -30.35 13.95
CA LYS D 317 -9.72 -31.34 12.87
C LYS D 317 -10.33 -30.69 11.62
N PRO D 318 -9.51 -30.06 10.77
CA PRO D 318 -10.09 -29.29 9.65
C PRO D 318 -10.68 -30.15 8.55
N LEU D 319 -9.98 -31.20 8.12
CA LEU D 319 -10.41 -32.03 7.00
C LEU D 319 -11.36 -33.12 7.50
N GLU D 320 -12.62 -33.08 7.07
CA GLU D 320 -13.61 -34.05 7.50
C GLU D 320 -14.69 -34.30 6.44
N GLY E 4 -25.35 6.49 -10.07
CA GLY E 4 -25.62 6.92 -8.70
C GLY E 4 -25.81 8.43 -8.58
N GLY F 4 4.36 -7.20 11.02
CA GLY F 4 4.01 -6.99 9.62
C GLY F 4 4.83 -7.88 8.70
N GLY G 4 -14.22 -7.80 -22.16
CA GLY G 4 -14.27 -9.06 -22.88
C GLY G 4 -13.61 -8.97 -24.27
N GLY H 4 6.54 2.63 29.83
CA GLY H 4 5.80 3.07 31.00
C GLY H 4 6.65 3.01 32.27
#